data_4R4J
#
_entry.id   4R4J
#
_cell.length_a   59.925
_cell.length_b   98.842
_cell.length_c   64.329
_cell.angle_alpha   90.00
_cell.angle_beta   100.91
_cell.angle_gamma   90.00
#
_symmetry.space_group_name_H-M   'P 1 21 1'
#
loop_
_entity.id
_entity.type
_entity.pdbx_description
1 polymer 'Aspartate-semialdehyde dehydrogenase'
2 non-polymer '3-(3-carboxypropyl)benzene-1,2-dicarboxylic acid'
3 non-polymer 'NADP NICOTINAMIDE-ADENINE-DINUCLEOTIDE PHOSPHATE'
4 non-polymer 'SODIUM ION'
5 non-polymer 1,2-ETHANEDIOL
6 water water
#
_entity_poly.entity_id   1
_entity_poly.type   'polypeptide(L)'
_entity_poly.pdbx_seq_one_letter_code
;MGYTVAVVGATGAVGAQMIKMLEESTLPIDKIRYLASARSAGKSLKFKDQDITIEETTETAFEGVDIALFSAGSSTSAKY
APYAVKAGVVVVDNTSYFRQNPDVPLVVPEVNAHALDAHNGIIACPNCSTIQMMVALEPVRQKWGLDRIIVSTYQAVSGA
GMGAILETQRELREVLNDGVKPCDLHAEILPSGGDKKHYPIAFNALPQIDVFTDNDYTYEEMKMTKETKKIMEDDSIAVS
ATCVRIPVLSAHSESVYIETKEVAPIEEVKAAIAAFPGAVLEDDVAHQIYPQAINAVGSRDTFVGRIRKDLDAEKGIHMW
VVSDNLLKGAAWNSVQIAETLHERGLVRPTAELKFELKLEHHHHHH
;
_entity_poly.pdbx_strand_id   A,B
#
# COMPACT_ATOMS: atom_id res chain seq x y z
N GLY A 2 18.99 -37.00 18.06
CA GLY A 2 18.57 -35.64 17.61
C GLY A 2 19.62 -34.95 16.76
N TYR A 3 19.35 -33.70 16.44
CA TYR A 3 20.16 -32.93 15.51
C TYR A 3 20.99 -31.86 16.19
N THR A 4 22.14 -31.57 15.58
CA THR A 4 22.87 -30.35 15.85
C THR A 4 22.42 -29.33 14.82
N VAL A 5 21.87 -28.21 15.28
CA VAL A 5 21.33 -27.17 14.42
C VAL A 5 22.13 -25.90 14.63
N ALA A 6 22.56 -25.31 13.51
CA ALA A 6 23.22 -24.00 13.52
C ALA A 6 22.27 -22.95 12.93
N VAL A 7 22.19 -21.79 13.60
CA VAL A 7 21.48 -20.65 13.05
C VAL A 7 22.54 -19.63 12.65
N VAL A 8 22.65 -19.38 11.34
CA VAL A 8 23.62 -18.43 10.80
C VAL A 8 22.92 -17.11 10.59
N GLY A 9 23.38 -16.08 11.30
CA GLY A 9 22.65 -14.81 11.39
C GLY A 9 21.66 -14.83 12.55
N ALA A 10 22.09 -15.34 13.70
CA ALA A 10 21.21 -15.53 14.85
C ALA A 10 20.82 -14.23 15.54
N THR A 11 21.59 -13.16 15.31
CA THR A 11 21.45 -11.92 16.07
C THR A 11 20.57 -10.86 15.41
N GLY A 12 20.15 -11.08 14.18
CA GLY A 12 19.36 -10.09 13.45
C GLY A 12 17.86 -10.26 13.62
N ALA A 13 17.09 -9.58 12.78
CA ALA A 13 15.64 -9.58 12.90
C ALA A 13 15.07 -10.97 12.59
N VAL A 14 15.51 -11.60 11.50
CA VAL A 14 15.07 -12.95 11.20
C VAL A 14 15.62 -13.94 12.22
N GLY A 15 16.89 -13.80 12.58
CA GLY A 15 17.54 -14.68 13.56
C GLY A 15 16.78 -14.80 14.86
N ALA A 16 16.28 -13.69 15.40
CA ALA A 16 15.51 -13.72 16.64
C ALA A 16 14.26 -14.59 16.49
N GLN A 17 13.62 -14.50 15.31
CA GLN A 17 12.45 -15.32 15.05
C GLN A 17 12.78 -16.78 14.74
N MET A 18 13.95 -17.03 14.13
CA MET A 18 14.41 -18.39 13.94
CA MET A 18 14.46 -18.40 13.95
C MET A 18 14.61 -19.07 15.30
N ILE A 19 15.17 -18.34 16.25
CA ILE A 19 15.35 -18.84 17.60
C ILE A 19 13.99 -19.18 18.21
N LYS A 20 13.03 -18.26 18.12
CA LYS A 20 11.70 -18.49 18.69
C LYS A 20 11.04 -19.69 18.02
N MET A 21 11.09 -19.75 16.71
CA MET A 21 10.45 -20.84 15.96
C MET A 21 11.11 -22.19 16.28
N LEU A 22 12.42 -22.20 16.49
CA LEU A 22 13.12 -23.42 16.90
C LEU A 22 12.78 -23.83 18.34
N GLU A 23 12.69 -22.84 19.24
CA GLU A 23 12.27 -23.13 20.61
C GLU A 23 10.89 -23.77 20.65
N GLU A 24 10.04 -23.40 19.69
CA GLU A 24 8.65 -23.87 19.64
C GLU A 24 8.46 -25.04 18.67
N SER A 25 9.56 -25.54 18.12
CA SER A 25 9.54 -26.60 17.12
C SER A 25 9.47 -27.99 17.75
N THR A 26 8.98 -28.93 16.96
CA THR A 26 9.03 -30.34 17.32
C THR A 26 10.37 -30.99 17.01
N LEU A 27 11.21 -30.32 16.23
CA LEU A 27 12.50 -30.89 15.84
C LEU A 27 13.28 -31.40 17.06
N PRO A 28 13.81 -32.63 16.99
CA PRO A 28 14.63 -33.12 18.10
C PRO A 28 16.02 -32.51 18.01
N ILE A 29 16.29 -31.54 18.88
CA ILE A 29 17.53 -30.78 18.83
C ILE A 29 18.37 -31.19 20.03
N ASP A 30 19.55 -31.74 19.75
CA ASP A 30 20.52 -32.15 20.77
C ASP A 30 21.53 -31.01 21.07
N LYS A 31 21.81 -30.20 20.06
CA LYS A 31 22.75 -29.10 20.18
C LYS A 31 22.34 -27.94 19.29
N ILE A 32 22.45 -26.73 19.83
CA ILE A 32 22.22 -25.49 19.11
C ILE A 32 23.53 -24.71 19.05
N ARG A 33 23.83 -24.17 17.88
CA ARG A 33 24.94 -23.24 17.71
C ARG A 33 24.43 -21.98 17.04
N TYR A 34 24.91 -20.84 17.53
CA TYR A 34 24.56 -19.54 16.97
C TYR A 34 25.77 -18.93 16.30
N LEU A 35 25.63 -18.63 15.01
CA LEU A 35 26.69 -18.08 14.20
C LEU A 35 26.26 -16.70 13.71
N ALA A 36 27.21 -15.78 13.64
CA ALA A 36 26.94 -14.46 13.09
C ALA A 36 28.25 -13.91 12.55
N SER A 37 28.42 -12.59 12.53
CA SER A 37 29.64 -12.03 12.01
C SER A 37 30.68 -11.86 13.12
N ALA A 38 31.86 -11.44 12.73
CA ALA A 38 32.88 -11.06 13.71
C ALA A 38 32.37 -10.04 14.74
N ARG A 39 31.44 -9.16 14.35
CA ARG A 39 30.92 -8.14 15.27
C ARG A 39 30.25 -8.72 16.51
N SER A 40 29.56 -9.85 16.35
CA SER A 40 28.80 -10.43 17.46
C SER A 40 29.50 -11.60 18.12
N ALA A 41 30.57 -12.09 17.51
CA ALA A 41 31.27 -13.26 18.03
C ALA A 41 31.69 -13.01 19.47
N GLY A 42 31.38 -13.98 20.34
CA GLY A 42 31.71 -13.91 21.75
C GLY A 42 30.60 -13.40 22.65
N LYS A 43 29.59 -12.74 22.08
CA LYS A 43 28.40 -12.36 22.84
C LYS A 43 27.59 -13.64 23.12
N SER A 44 26.60 -13.50 24.01
CA SER A 44 25.77 -14.62 24.44
C SER A 44 24.30 -14.35 24.11
N LEU A 45 23.59 -15.42 23.79
CA LEU A 45 22.17 -15.34 23.45
C LEU A 45 21.53 -16.63 23.95
N LYS A 46 20.31 -16.52 24.46
CA LYS A 46 19.57 -17.67 24.99
C LYS A 46 19.05 -18.62 23.90
N PHE A 47 19.07 -19.91 24.21
CA PHE A 47 18.16 -20.87 23.60
C PHE A 47 17.41 -21.52 24.76
N LYS A 48 16.11 -21.22 24.85
CA LYS A 48 15.31 -21.52 26.03
C LYS A 48 16.04 -20.94 27.25
N ASP A 49 16.47 -21.78 28.18
CA ASP A 49 17.17 -21.33 29.38
C ASP A 49 18.70 -21.45 29.26
N GLN A 50 19.19 -21.97 28.13
CA GLN A 50 20.62 -22.20 27.94
C GLN A 50 21.29 -20.96 27.36
N ASP A 51 22.49 -20.64 27.86
CA ASP A 51 23.31 -19.57 27.29
C ASP A 51 24.16 -20.13 26.15
N ILE A 52 24.03 -19.54 24.96
CA ILE A 52 24.77 -19.96 23.79
C ILE A 52 25.71 -18.83 23.38
N THR A 53 27.00 -19.14 23.27
CA THR A 53 28.00 -18.17 22.85
C THR A 53 27.98 -18.07 21.33
N ILE A 54 27.86 -16.86 20.82
CA ILE A 54 27.82 -16.61 19.40
C ILE A 54 29.22 -16.79 18.78
N GLU A 55 29.26 -17.47 17.65
CA GLU A 55 30.51 -17.74 16.94
C GLU A 55 30.56 -16.99 15.63
N GLU A 56 31.77 -16.56 15.25
CA GLU A 56 31.97 -16.03 13.92
C GLU A 56 31.75 -17.13 12.87
N THR A 57 31.03 -16.80 11.81
CA THR A 57 30.80 -17.71 10.71
C THR A 57 32.06 -17.83 9.86
N THR A 58 32.49 -19.06 9.63
CA THR A 58 33.69 -19.37 8.89
C THR A 58 33.52 -20.62 8.02
N GLU A 59 34.50 -20.82 7.13
CA GLU A 59 34.63 -22.04 6.32
C GLU A 59 34.58 -23.32 7.13
N THR A 60 35.13 -23.28 8.35
CA THR A 60 35.36 -24.45 9.18
C THR A 60 34.36 -24.60 10.33
N ALA A 61 33.29 -23.82 10.30
CA ALA A 61 32.37 -23.75 11.43
C ALA A 61 31.32 -24.87 11.47
N PHE A 62 31.25 -25.70 10.42
CA PHE A 62 30.07 -26.55 10.23
C PHE A 62 30.27 -28.05 10.50
N GLU A 63 31.42 -28.41 11.04
CA GLU A 63 31.69 -29.80 11.38
C GLU A 63 30.71 -30.24 12.46
N GLY A 64 30.08 -31.39 12.24
CA GLY A 64 29.12 -31.93 13.19
C GLY A 64 27.72 -31.36 13.10
N VAL A 65 27.50 -30.42 12.19
CA VAL A 65 26.20 -29.77 12.05
C VAL A 65 25.34 -30.58 11.08
N ASP A 66 24.09 -30.87 11.49
CA ASP A 66 23.14 -31.60 10.66
C ASP A 66 22.31 -30.67 9.79
N ILE A 67 21.82 -29.60 10.40
CA ILE A 67 20.95 -28.61 9.75
C ILE A 67 21.50 -27.23 10.03
N ALA A 68 21.63 -26.40 9.00
CA ALA A 68 22.01 -25.00 9.16
C ALA A 68 20.95 -24.12 8.52
N LEU A 69 20.43 -23.19 9.32
CA LEU A 69 19.45 -22.22 8.84
C LEU A 69 20.19 -20.91 8.61
N PHE A 70 20.25 -20.50 7.35
CA PHE A 70 21.03 -19.31 6.98
C PHE A 70 20.08 -18.13 6.83
N SER A 71 20.31 -17.08 7.63
CA SER A 71 19.62 -15.81 7.44
C SER A 71 20.53 -14.66 7.80
N ALA A 72 21.65 -14.59 7.08
CA ALA A 72 22.70 -13.61 7.34
C ALA A 72 23.06 -12.75 6.14
N GLY A 73 22.31 -12.87 5.05
CA GLY A 73 22.54 -12.09 3.86
C GLY A 73 23.07 -12.96 2.73
N SER A 74 22.78 -12.54 1.50
CA SER A 74 23.15 -13.29 0.30
CA SER A 74 23.13 -13.30 0.30
C SER A 74 24.64 -13.60 0.21
N SER A 75 25.48 -12.59 0.50
CA SER A 75 26.92 -12.80 0.41
C SER A 75 27.39 -13.87 1.39
N THR A 76 26.83 -13.87 2.59
CA THR A 76 27.19 -14.87 3.62
C THR A 76 26.74 -16.26 3.18
N SER A 77 25.57 -16.36 2.56
CA SER A 77 25.14 -17.66 2.04
C SER A 77 26.05 -18.11 0.89
N ALA A 78 26.39 -17.18 0.00
CA ALA A 78 27.27 -17.49 -1.12
C ALA A 78 28.62 -18.01 -0.63
N LYS A 79 29.17 -17.34 0.40
CA LYS A 79 30.51 -17.64 0.92
C LYS A 79 30.54 -18.94 1.72
N TYR A 80 29.54 -19.18 2.57
CA TYR A 80 29.65 -20.28 3.54
C TYR A 80 28.70 -21.48 3.36
N ALA A 81 27.56 -21.29 2.70
CA ALA A 81 26.62 -22.43 2.53
C ALA A 81 27.25 -23.61 1.76
N PRO A 82 28.06 -23.33 0.72
CA PRO A 82 28.72 -24.46 0.03
C PRO A 82 29.69 -25.25 0.91
N TYR A 83 30.39 -24.57 1.82
CA TYR A 83 31.26 -25.26 2.77
C TYR A 83 30.48 -26.08 3.78
N ALA A 84 29.31 -25.57 4.17
CA ALA A 84 28.41 -26.33 5.02
C ALA A 84 27.98 -27.62 4.32
N VAL A 85 27.59 -27.48 3.05
CA VAL A 85 27.17 -28.63 2.26
C VAL A 85 28.33 -29.65 2.12
N LYS A 86 29.52 -29.14 1.87
CA LYS A 86 30.71 -29.98 1.79
C LYS A 86 30.96 -30.74 3.10
N ALA A 87 30.67 -30.09 4.24
CA ALA A 87 30.83 -30.69 5.56
C ALA A 87 29.76 -31.73 5.90
N GLY A 88 28.68 -31.79 5.12
CA GLY A 88 27.60 -32.78 5.33
C GLY A 88 26.31 -32.22 5.89
N VAL A 89 26.22 -30.90 5.95
CA VAL A 89 25.01 -30.20 6.45
C VAL A 89 23.91 -30.19 5.38
N VAL A 90 22.65 -30.12 5.82
CA VAL A 90 21.56 -29.68 4.97
C VAL A 90 21.27 -28.22 5.31
N VAL A 91 21.34 -27.35 4.31
CA VAL A 91 21.19 -25.92 4.48
C VAL A 91 19.78 -25.50 4.07
N VAL A 92 19.12 -24.74 4.94
CA VAL A 92 17.89 -24.04 4.58
C VAL A 92 18.27 -22.58 4.50
N ASP A 93 18.23 -22.02 3.29
CA ASP A 93 18.72 -20.67 3.04
C ASP A 93 17.58 -19.69 2.82
N ASN A 94 17.52 -18.67 3.67
CA ASN A 94 16.50 -17.65 3.61
CA ASN A 94 16.49 -17.63 3.60
C ASN A 94 16.76 -16.57 2.54
N THR A 95 17.97 -16.58 1.98
CA THR A 95 18.40 -15.51 1.05
C THR A 95 18.01 -15.78 -0.39
N SER A 96 18.20 -14.78 -1.24
CA SER A 96 17.86 -14.91 -2.66
C SER A 96 18.92 -15.64 -3.48
N TYR A 97 20.09 -15.90 -2.87
CA TYR A 97 21.27 -16.26 -3.65
C TYR A 97 21.13 -17.53 -4.49
N PHE A 98 20.54 -18.56 -3.90
CA PHE A 98 20.43 -19.85 -4.56
C PHE A 98 19.04 -20.14 -5.13
N ARG A 99 18.11 -19.19 -5.03
CA ARG A 99 16.71 -19.49 -5.32
C ARG A 99 16.45 -19.95 -6.75
N GLN A 100 17.18 -19.40 -7.71
CA GLN A 100 16.95 -19.71 -9.12
C GLN A 100 17.96 -20.70 -9.69
N ASN A 101 18.68 -21.38 -8.80
CA ASN A 101 19.62 -22.43 -9.19
C ASN A 101 18.84 -23.71 -9.43
N PRO A 102 18.98 -24.33 -10.61
CA PRO A 102 18.17 -25.53 -10.91
C PRO A 102 18.48 -26.75 -10.03
N ASP A 103 19.60 -26.72 -9.30
CA ASP A 103 19.95 -27.75 -8.32
C ASP A 103 19.35 -27.48 -6.94
N VAL A 104 18.56 -26.42 -6.79
CA VAL A 104 18.06 -25.99 -5.49
C VAL A 104 16.55 -25.94 -5.47
N PRO A 105 15.90 -26.76 -4.61
CA PRO A 105 14.47 -26.59 -4.39
C PRO A 105 14.15 -25.23 -3.75
N LEU A 106 13.11 -24.58 -4.27
CA LEU A 106 12.64 -23.30 -3.73
C LEU A 106 11.26 -23.57 -3.18
N VAL A 107 11.17 -23.71 -1.86
CA VAL A 107 10.03 -24.43 -1.25
C VAL A 107 9.16 -23.62 -0.30
N VAL A 108 7.85 -23.73 -0.52
CA VAL A 108 6.82 -23.38 0.45
C VAL A 108 6.19 -24.75 0.75
N PRO A 109 6.37 -25.28 1.98
CA PRO A 109 5.99 -26.69 2.20
C PRO A 109 4.55 -27.08 1.84
N GLU A 110 3.60 -26.17 2.00
CA GLU A 110 2.20 -26.47 1.66
C GLU A 110 1.97 -26.59 0.16
N VAL A 111 2.87 -26.01 -0.62
CA VAL A 111 2.72 -25.91 -2.07
C VAL A 111 3.55 -26.94 -2.81
N ASN A 112 4.84 -27.03 -2.49
CA ASN A 112 5.75 -27.88 -3.27
C ASN A 112 6.77 -28.65 -2.41
N ALA A 113 6.29 -29.23 -1.32
CA ALA A 113 7.15 -30.11 -0.51
C ALA A 113 7.78 -31.23 -1.32
N HIS A 114 7.10 -31.69 -2.37
CA HIS A 114 7.63 -32.72 -3.27
C HIS A 114 9.03 -32.39 -3.79
N ALA A 115 9.33 -31.10 -3.94
CA ALA A 115 10.63 -30.66 -4.47
C ALA A 115 11.79 -30.95 -3.52
N LEU A 116 11.49 -31.14 -2.23
CA LEU A 116 12.53 -31.40 -1.23
C LEU A 116 13.27 -32.72 -1.46
N ASP A 117 12.57 -33.72 -2.00
CA ASP A 117 13.12 -35.06 -2.09
C ASP A 117 14.43 -35.13 -2.87
N ALA A 118 14.57 -34.32 -3.91
CA ALA A 118 15.76 -34.33 -4.75
C ALA A 118 16.78 -33.25 -4.39
N HIS A 119 16.76 -32.77 -3.14
CA HIS A 119 17.67 -31.70 -2.75
C HIS A 119 19.12 -32.16 -2.80
N ASN A 120 20.01 -31.20 -3.01
CA ASN A 120 21.45 -31.43 -3.08
C ASN A 120 22.20 -30.69 -1.97
N GLY A 121 21.52 -30.46 -0.84
CA GLY A 121 22.15 -29.94 0.36
C GLY A 121 21.74 -28.51 0.67
N ILE A 122 21.10 -27.84 -0.29
CA ILE A 122 20.56 -26.49 -0.07
C ILE A 122 19.10 -26.44 -0.49
N ILE A 123 18.25 -26.01 0.45
CA ILE A 123 16.85 -25.72 0.15
C ILE A 123 16.68 -24.23 0.37
N ALA A 124 16.14 -23.54 -0.63
CA ALA A 124 15.91 -22.11 -0.51
C ALA A 124 14.47 -21.78 -0.08
N CYS A 125 14.39 -20.89 0.90
CA CYS A 125 13.16 -20.23 1.29
CA CYS A 125 13.13 -20.23 1.23
C CYS A 125 12.92 -19.09 0.28
N PRO A 126 11.70 -18.96 -0.26
CA PRO A 126 11.48 -17.80 -1.13
C PRO A 126 11.40 -16.48 -0.37
N ASN A 127 11.32 -15.40 -1.13
CA ASN A 127 11.03 -14.10 -0.61
C ASN A 127 9.71 -14.08 0.18
N CYS A 128 9.69 -13.35 1.29
CA CYS A 128 8.51 -13.25 2.16
C CYS A 128 7.23 -12.86 1.41
N SER A 129 7.33 -11.87 0.54
CA SER A 129 6.16 -11.42 -0.21
CA SER A 129 6.16 -11.42 -0.21
C SER A 129 5.63 -12.52 -1.12
N THR A 130 6.55 -13.28 -1.72
CA THR A 130 6.16 -14.40 -2.58
C THR A 130 5.51 -15.52 -1.78
N ILE A 131 6.09 -15.86 -0.64
CA ILE A 131 5.57 -16.97 0.17
C ILE A 131 4.09 -16.78 0.51
N GLN A 132 3.73 -15.64 1.07
CA GLN A 132 2.35 -15.46 1.51
C GLN A 132 1.39 -15.50 0.32
N MET A 133 1.82 -14.96 -0.81
CA MET A 133 1.03 -14.99 -2.02
C MET A 133 0.81 -16.41 -2.54
N MET A 134 1.84 -17.25 -2.44
CA MET A 134 1.71 -18.64 -2.87
C MET A 134 0.76 -19.43 -1.98
N VAL A 135 0.78 -19.15 -0.68
CA VAL A 135 -0.15 -19.82 0.26
C VAL A 135 -1.59 -19.47 -0.09
N ALA A 136 -1.84 -18.22 -0.42
CA ALA A 136 -3.18 -17.77 -0.78
C ALA A 136 -3.64 -18.33 -2.13
N LEU A 137 -2.74 -18.40 -3.10
CA LEU A 137 -3.14 -18.66 -4.49
C LEU A 137 -3.05 -20.11 -4.90
N GLU A 138 -2.20 -20.90 -4.27
CA GLU A 138 -2.10 -22.30 -4.65
C GLU A 138 -3.45 -23.03 -4.60
N PRO A 139 -4.26 -22.84 -3.52
CA PRO A 139 -5.55 -23.55 -3.54
C PRO A 139 -6.48 -23.11 -4.68
N VAL A 140 -6.30 -21.88 -5.15
CA VAL A 140 -7.10 -21.40 -6.28
C VAL A 140 -6.58 -22.02 -7.57
N ARG A 141 -5.26 -22.01 -7.75
CA ARG A 141 -4.62 -22.61 -8.93
C ARG A 141 -5.03 -24.08 -9.11
N GLN A 142 -5.01 -24.84 -8.00
CA GLN A 142 -5.32 -26.27 -8.02
C GLN A 142 -6.69 -26.57 -8.62
N LYS A 143 -7.65 -25.68 -8.36
CA LYS A 143 -9.04 -25.91 -8.77
C LYS A 143 -9.45 -25.21 -10.07
N TRP A 144 -8.90 -24.01 -10.30
CA TRP A 144 -9.33 -23.19 -11.44
C TRP A 144 -8.21 -22.67 -12.33
N GLY A 145 -6.96 -23.00 -12.02
CA GLY A 145 -5.82 -22.51 -12.77
C GLY A 145 -5.51 -21.04 -12.50
N LEU A 146 -4.33 -20.62 -12.95
CA LEU A 146 -3.93 -19.19 -12.86
C LEU A 146 -3.31 -18.79 -14.18
N ASP A 147 -3.87 -17.73 -14.77
CA ASP A 147 -3.36 -17.19 -16.03
C ASP A 147 -2.41 -16.02 -15.75
N ARG A 148 -2.82 -15.09 -14.89
CA ARG A 148 -1.96 -13.97 -14.53
C ARG A 148 -2.19 -13.49 -13.11
N ILE A 149 -1.21 -12.74 -12.63
CA ILE A 149 -1.23 -12.10 -11.34
C ILE A 149 -0.71 -10.68 -11.50
N ILE A 150 -1.44 -9.72 -10.91
CA ILE A 150 -0.94 -8.36 -10.69
C ILE A 150 -0.98 -8.13 -9.19
N VAL A 151 0.15 -7.75 -8.61
CA VAL A 151 0.20 -7.54 -7.16
C VAL A 151 0.82 -6.20 -6.82
N SER A 152 0.22 -5.53 -5.86
CA SER A 152 0.79 -4.32 -5.27
C SER A 152 0.95 -4.58 -3.77
N THR A 153 2.17 -4.44 -3.26
CA THR A 153 2.47 -4.79 -1.89
C THR A 153 2.54 -3.59 -0.93
N TYR A 154 2.38 -3.91 0.34
CA TYR A 154 2.37 -2.97 1.44
C TYR A 154 3.29 -3.57 2.50
N GLN A 155 4.58 -3.34 2.33
CA GLN A 155 5.59 -4.11 3.04
C GLN A 155 6.12 -3.41 4.29
N ALA A 156 6.22 -4.19 5.37
CA ALA A 156 6.75 -3.77 6.65
C ALA A 156 8.27 -3.58 6.61
N VAL A 157 8.74 -2.65 7.44
CA VAL A 157 10.16 -2.29 7.46
C VAL A 157 11.07 -3.39 8.02
N SER A 158 10.54 -4.33 8.82
CA SER A 158 11.39 -5.41 9.36
C SER A 158 11.94 -6.32 8.25
N GLY A 159 11.35 -6.28 7.06
CA GLY A 159 11.88 -7.00 5.91
C GLY A 159 13.26 -6.50 5.50
N ALA A 160 13.57 -5.25 5.84
CA ALA A 160 14.89 -4.67 5.59
C ALA A 160 15.90 -4.81 6.76
N GLY A 161 15.50 -5.49 7.84
CA GLY A 161 16.41 -5.79 8.95
C GLY A 161 16.26 -4.92 10.19
N MET A 162 17.03 -5.27 11.24
CA MET A 162 16.88 -4.57 12.53
C MET A 162 17.16 -3.08 12.42
N GLY A 163 18.19 -2.74 11.64
CA GLY A 163 18.54 -1.34 11.44
C GLY A 163 17.37 -0.52 10.92
N ALA A 164 16.63 -1.10 9.97
CA ALA A 164 15.49 -0.42 9.37
C ALA A 164 14.34 -0.26 10.35
N ILE A 165 14.14 -1.25 11.21
CA ILE A 165 13.15 -1.13 12.28
C ILE A 165 13.50 0.04 13.20
N LEU A 166 14.75 0.07 13.67
CA LEU A 166 15.20 1.12 14.57
C LEU A 166 15.09 2.49 13.91
N GLU A 167 15.44 2.56 12.62
CA GLU A 167 15.34 3.82 11.85
C GLU A 167 13.90 4.33 11.79
N THR A 168 12.97 3.41 11.59
CA THR A 168 11.58 3.77 11.48
C THR A 168 11.04 4.30 12.79
N GLN A 169 11.35 3.60 13.88
CA GLN A 169 10.90 4.03 15.22
C GLN A 169 11.49 5.39 15.60
N ARG A 170 12.77 5.59 15.27
CA ARG A 170 13.45 6.84 15.53
C ARG A 170 12.79 7.99 14.78
N GLU A 171 12.53 7.78 13.49
CA GLU A 171 11.89 8.80 12.65
C GLU A 171 10.52 9.16 13.18
N LEU A 172 9.69 8.15 13.45
CA LEU A 172 8.36 8.40 13.99
C LEU A 172 8.38 9.18 15.31
N ARG A 173 9.32 8.83 16.21
CA ARG A 173 9.44 9.54 17.49
C ARG A 173 9.85 11.00 17.27
N GLU A 174 10.76 11.25 16.34
CA GLU A 174 11.19 12.63 16.04
C GLU A 174 9.99 13.46 15.56
N VAL A 175 9.17 12.89 14.70
CA VAL A 175 7.99 13.60 14.22
C VAL A 175 6.97 13.80 15.33
N LEU A 176 6.61 12.71 16.01
CA LEU A 176 5.48 12.71 16.93
C LEU A 176 5.79 13.38 18.27
N ASN A 177 7.03 13.27 18.71
CA ASN A 177 7.43 13.80 20.01
C ASN A 177 8.21 15.09 19.93
N ASP A 178 9.02 15.26 18.88
CA ASP A 178 9.85 16.46 18.74
C ASP A 178 9.34 17.48 17.70
N GLY A 179 8.31 17.12 16.94
CA GLY A 179 7.72 18.04 15.96
C GLY A 179 8.49 18.21 14.67
N VAL A 180 9.38 17.27 14.36
CA VAL A 180 10.16 17.33 13.13
C VAL A 180 9.22 17.07 11.94
N LYS A 181 9.39 17.82 10.84
CA LYS A 181 8.61 17.58 9.62
C LYS A 181 9.15 16.33 8.90
N PRO A 182 8.27 15.45 8.40
CA PRO A 182 8.82 14.24 7.76
C PRO A 182 9.89 14.48 6.68
N CYS A 183 9.75 15.52 5.85
CA CYS A 183 10.75 15.77 4.81
CA CYS A 183 10.74 15.86 4.83
C CYS A 183 12.09 16.26 5.37
N ASP A 184 12.12 16.67 6.63
CA ASP A 184 13.35 17.11 7.26
C ASP A 184 14.07 15.98 7.97
N LEU A 185 13.47 14.78 7.93
CA LEU A 185 14.10 13.64 8.57
C LEU A 185 15.33 13.20 7.80
N HIS A 186 16.30 12.67 8.53
CA HIS A 186 17.50 12.10 7.95
C HIS A 186 17.39 10.58 8.01
N ALA A 187 17.52 9.94 6.85
CA ALA A 187 17.51 8.47 6.77
C ALA A 187 18.89 7.95 6.35
N GLU A 188 19.23 6.75 6.82
CA GLU A 188 20.48 6.10 6.46
C GLU A 188 20.34 4.74 5.77
N ILE A 189 19.17 4.11 5.90
CA ILE A 189 18.98 2.73 5.41
C ILE A 189 17.92 2.63 4.32
N LEU A 190 16.67 2.96 4.65
CA LEU A 190 15.57 2.78 3.68
C LEU A 190 15.70 3.82 2.56
N PRO A 191 15.19 3.50 1.35
CA PRO A 191 14.49 2.25 0.99
C PRO A 191 15.38 1.01 0.91
N SER A 192 16.64 1.18 0.53
CA SER A 192 17.58 0.05 0.37
C SER A 192 18.96 0.39 0.92
N GLY A 193 19.38 -0.37 1.93
CA GLY A 193 20.67 -0.18 2.58
C GLY A 193 21.84 -0.02 1.63
N GLY A 194 21.88 -0.87 0.60
CA GLY A 194 23.00 -0.87 -0.36
C GLY A 194 22.98 0.20 -1.44
N ASP A 195 21.82 0.81 -1.66
CA ASP A 195 21.67 1.78 -2.75
C ASP A 195 22.20 3.14 -2.32
N LYS A 196 22.22 4.09 -3.25
CA LYS A 196 22.97 5.33 -3.09
C LYS A 196 22.26 6.37 -2.21
N LYS A 197 20.95 6.50 -2.39
CA LYS A 197 20.16 7.51 -1.70
C LYS A 197 19.19 6.88 -0.71
N HIS A 198 18.97 7.55 0.40
CA HIS A 198 18.09 7.09 1.45
C HIS A 198 17.01 8.12 1.74
N TYR A 199 15.81 7.64 2.02
CA TYR A 199 14.66 8.50 2.21
C TYR A 199 13.92 8.12 3.47
N PRO A 200 13.21 9.09 4.09
CA PRO A 200 12.39 8.77 5.25
C PRO A 200 11.22 7.86 4.89
N ILE A 201 10.89 6.97 5.81
CA ILE A 201 9.72 6.10 5.72
C ILE A 201 8.57 6.61 6.59
N ALA A 202 8.87 7.38 7.63
CA ALA A 202 7.82 7.90 8.52
C ALA A 202 6.81 8.69 7.72
N PHE A 203 5.52 8.35 7.89
CA PHE A 203 4.41 8.99 7.17
C PHE A 203 4.61 9.06 5.65
N ASN A 204 5.26 8.02 5.12
CA ASN A 204 5.62 7.94 3.71
C ASN A 204 5.27 6.56 3.16
N ALA A 205 5.28 6.45 1.84
CA ALA A 205 5.16 5.17 1.13
C ALA A 205 6.24 5.18 0.06
N LEU A 206 7.20 4.27 0.17
CA LEU A 206 8.33 4.27 -0.75
C LEU A 206 8.21 3.15 -1.77
N PRO A 207 8.00 3.50 -3.05
CA PRO A 207 7.82 2.47 -4.09
C PRO A 207 9.16 1.92 -4.59
N GLN A 208 10.02 1.52 -3.64
CA GLN A 208 11.26 0.86 -3.97
C GLN A 208 11.58 -0.09 -2.85
N ILE A 209 11.68 -1.37 -3.20
CA ILE A 209 12.25 -2.39 -2.33
C ILE A 209 13.33 -3.09 -3.13
N ASP A 210 14.49 -3.22 -2.50
CA ASP A 210 15.72 -3.64 -3.17
C ASP A 210 16.15 -2.61 -4.22
N VAL A 211 17.07 -2.98 -5.10
CA VAL A 211 17.61 -2.05 -6.08
C VAL A 211 16.91 -2.24 -7.42
N PHE A 212 17.07 -1.26 -8.32
CA PHE A 212 16.47 -1.37 -9.64
C PHE A 212 17.24 -2.32 -10.56
N THR A 213 16.49 -3.08 -11.36
CA THR A 213 17.05 -3.93 -12.40
C THR A 213 16.94 -3.20 -13.74
N ASP A 214 17.52 -3.78 -14.78
CA ASP A 214 17.60 -3.10 -16.08
C ASP A 214 16.26 -2.96 -16.83
N ASN A 215 15.19 -3.61 -16.36
CA ASN A 215 13.86 -3.41 -16.94
C ASN A 215 12.98 -2.43 -16.17
N ASP A 216 13.57 -1.70 -15.24
CA ASP A 216 12.89 -0.68 -14.42
C ASP A 216 11.91 -1.22 -13.36
N TYR A 217 11.82 -2.54 -13.23
CA TYR A 217 11.24 -3.18 -12.05
C TYR A 217 12.39 -3.35 -11.06
N THR A 218 12.07 -3.32 -9.78
CA THR A 218 13.09 -3.60 -8.75
C THR A 218 13.35 -5.08 -8.63
N TYR A 219 14.43 -5.44 -7.95
CA TYR A 219 14.74 -6.86 -7.74
C TYR A 219 13.65 -7.55 -6.91
N GLU A 220 13.05 -6.82 -5.97
CA GLU A 220 11.96 -7.39 -5.18
C GLU A 220 10.78 -7.78 -6.07
N GLU A 221 10.42 -6.88 -6.98
CA GLU A 221 9.33 -7.12 -7.92
C GLU A 221 9.63 -8.30 -8.82
N MET A 222 10.87 -8.38 -9.31
CA MET A 222 11.25 -9.47 -10.21
C MET A 222 11.35 -10.80 -9.46
N LYS A 223 11.73 -10.76 -8.19
CA LYS A 223 11.72 -11.96 -7.36
C LYS A 223 10.32 -12.54 -7.27
N MET A 224 9.32 -11.70 -7.05
CA MET A 224 7.94 -12.19 -6.97
C MET A 224 7.58 -12.88 -8.29
N THR A 225 7.99 -12.28 -9.40
CA THR A 225 7.75 -12.84 -10.72
C THR A 225 8.42 -14.21 -10.90
N LYS A 226 9.73 -14.24 -10.72
CA LYS A 226 10.54 -15.43 -11.02
C LYS A 226 10.30 -16.55 -10.01
N GLU A 227 10.12 -16.19 -8.74
CA GLU A 227 9.91 -17.19 -7.70
C GLU A 227 8.55 -17.86 -7.85
N THR A 228 7.53 -17.08 -8.20
CA THR A 228 6.20 -17.64 -8.41
C THR A 228 6.25 -18.72 -9.49
N LYS A 229 6.88 -18.39 -10.62
CA LYS A 229 6.97 -19.31 -11.74
C LYS A 229 7.68 -20.61 -11.35
N LYS A 230 8.74 -20.50 -10.55
CA LYS A 230 9.49 -21.70 -10.09
C LYS A 230 8.69 -22.53 -9.08
N ILE A 231 8.12 -21.87 -8.08
CA ILE A 231 7.37 -22.56 -7.01
C ILE A 231 6.16 -23.30 -7.58
N MET A 232 5.44 -22.64 -8.47
CA MET A 232 4.26 -23.26 -9.08
C MET A 232 4.59 -24.09 -10.33
N GLU A 233 5.86 -24.13 -10.72
CA GLU A 233 6.33 -24.97 -11.81
C GLU A 233 5.54 -24.70 -13.09
N ASP A 234 5.39 -23.40 -13.40
CA ASP A 234 4.62 -22.97 -14.55
C ASP A 234 5.10 -21.60 -15.01
N ASP A 235 5.95 -21.61 -16.04
CA ASP A 235 6.51 -20.39 -16.62
C ASP A 235 5.48 -19.54 -17.37
N SER A 236 4.31 -20.10 -17.64
CA SER A 236 3.28 -19.39 -18.39
C SER A 236 2.45 -18.45 -17.53
N ILE A 237 2.58 -18.52 -16.21
CA ILE A 237 1.85 -17.60 -15.34
C ILE A 237 2.48 -16.22 -15.46
N ALA A 238 1.70 -15.25 -15.95
CA ALA A 238 2.15 -13.87 -16.08
C ALA A 238 2.09 -13.24 -14.70
N VAL A 239 3.19 -12.63 -14.27
CA VAL A 239 3.24 -11.99 -12.96
C VAL A 239 3.96 -10.65 -13.07
N SER A 240 3.27 -9.58 -12.72
CA SER A 240 3.90 -8.26 -12.59
C SER A 240 3.56 -7.68 -11.22
N ALA A 241 4.56 -7.02 -10.60
CA ALA A 241 4.46 -6.59 -9.22
C ALA A 241 4.90 -5.14 -9.07
N THR A 242 4.29 -4.45 -8.10
CA THR A 242 4.76 -3.18 -7.56
C THR A 242 4.97 -3.36 -6.07
N CYS A 243 6.21 -3.16 -5.60
CA CYS A 243 6.56 -3.43 -4.21
C CYS A 243 6.82 -2.12 -3.48
N VAL A 244 6.07 -1.87 -2.42
CA VAL A 244 6.07 -0.58 -1.73
C VAL A 244 6.29 -0.79 -0.23
N ARG A 245 7.20 0.01 0.34
CA ARG A 245 7.44 0.00 1.78
C ARG A 245 6.51 1.02 2.44
N ILE A 246 5.83 0.61 3.51
CA ILE A 246 4.96 1.51 4.27
C ILE A 246 5.35 1.53 5.76
N PRO A 247 4.80 2.49 6.55
CA PRO A 247 5.21 2.58 7.96
C PRO A 247 4.56 1.53 8.86
N VAL A 248 4.99 0.28 8.68
CA VAL A 248 4.54 -0.86 9.47
C VAL A 248 5.83 -1.57 9.88
N LEU A 249 5.91 -2.03 11.12
CA LEU A 249 7.12 -2.71 11.55
C LEU A 249 7.13 -4.16 11.12
N SER A 250 6.02 -4.86 11.32
CA SER A 250 5.93 -6.27 10.98
C SER A 250 4.59 -6.59 10.31
N ALA A 251 4.68 -7.54 9.38
CA ALA A 251 3.59 -8.10 8.56
C ALA A 251 3.41 -7.36 7.26
N HIS A 252 3.53 -8.12 6.16
CA HIS A 252 3.32 -7.60 4.82
C HIS A 252 1.88 -7.81 4.42
N SER A 253 1.32 -6.84 3.72
CA SER A 253 0.00 -6.95 3.13
C SER A 253 0.12 -6.81 1.61
N GLU A 254 -0.77 -7.48 0.90
CA GLU A 254 -0.75 -7.49 -0.57
C GLU A 254 -2.17 -7.35 -1.13
N SER A 255 -2.32 -6.44 -2.10
CA SER A 255 -3.50 -6.37 -2.95
C SER A 255 -3.21 -7.20 -4.18
N VAL A 256 -3.88 -8.34 -4.28
CA VAL A 256 -3.58 -9.35 -5.29
C VAL A 256 -4.74 -9.46 -6.27
N TYR A 257 -4.43 -9.29 -7.54
CA TYR A 257 -5.36 -9.54 -8.63
C TYR A 257 -4.90 -10.75 -9.41
N ILE A 258 -5.83 -11.68 -9.64
CA ILE A 258 -5.56 -12.82 -10.50
C ILE A 258 -6.63 -12.93 -11.59
N GLU A 259 -6.24 -13.58 -12.68
CA GLU A 259 -7.21 -14.14 -13.58
C GLU A 259 -6.97 -15.65 -13.63
N THR A 260 -8.04 -16.40 -13.36
CA THR A 260 -8.00 -17.85 -13.36
C THR A 260 -8.16 -18.37 -14.79
N LYS A 261 -7.96 -19.67 -15.01
CA LYS A 261 -8.20 -20.27 -16.32
C LYS A 261 -9.68 -20.59 -16.52
N GLU A 262 -10.33 -21.05 -15.46
CA GLU A 262 -11.78 -21.31 -15.46
C GLU A 262 -12.45 -20.39 -14.45
N VAL A 263 -13.72 -20.05 -14.69
CA VAL A 263 -14.43 -19.15 -13.79
C VAL A 263 -14.53 -19.80 -12.41
N ALA A 264 -14.02 -19.08 -11.42
CA ALA A 264 -13.93 -19.56 -10.05
C ALA A 264 -14.99 -18.82 -9.23
N PRO A 265 -16.09 -19.51 -8.88
CA PRO A 265 -17.10 -18.83 -8.07
C PRO A 265 -16.51 -18.37 -6.73
N ILE A 266 -16.79 -17.12 -6.35
CA ILE A 266 -16.15 -16.52 -5.17
C ILE A 266 -16.45 -17.30 -3.88
N GLU A 267 -17.67 -17.80 -3.70
CA GLU A 267 -17.93 -18.55 -2.47
C GLU A 267 -17.09 -19.84 -2.42
N GLU A 268 -16.84 -20.45 -3.57
CA GLU A 268 -15.99 -21.63 -3.66
C GLU A 268 -14.51 -21.29 -3.46
N VAL A 269 -14.10 -20.14 -3.97
CA VAL A 269 -12.73 -19.65 -3.75
C VAL A 269 -12.45 -19.47 -2.27
N LYS A 270 -13.37 -18.79 -1.57
CA LYS A 270 -13.31 -18.61 -0.13
C LYS A 270 -13.15 -19.94 0.59
N ALA A 271 -13.98 -20.90 0.22
CA ALA A 271 -13.92 -22.22 0.85
C ALA A 271 -12.60 -22.93 0.57
N ALA A 272 -12.10 -22.83 -0.66
CA ALA A 272 -10.87 -23.52 -1.06
C ALA A 272 -9.66 -22.95 -0.30
N ILE A 273 -9.64 -21.63 -0.16
CA ILE A 273 -8.58 -20.99 0.62
C ILE A 273 -8.68 -21.37 2.09
N ALA A 274 -9.88 -21.31 2.67
CA ALA A 274 -10.08 -21.67 4.06
C ALA A 274 -9.56 -23.08 4.34
N ALA A 275 -9.80 -23.99 3.38
CA ALA A 275 -9.43 -25.41 3.54
C ALA A 275 -7.96 -25.72 3.33
N PHE A 276 -7.19 -24.75 2.82
CA PHE A 276 -5.80 -24.99 2.46
C PHE A 276 -4.90 -24.81 3.69
N PRO A 277 -4.00 -25.78 3.95
CA PRO A 277 -3.12 -25.66 5.12
C PRO A 277 -2.29 -24.38 5.05
N GLY A 278 -2.26 -23.63 6.15
CA GLY A 278 -1.42 -22.44 6.26
C GLY A 278 -2.16 -21.16 5.90
N ALA A 279 -3.33 -21.31 5.29
CA ALA A 279 -4.20 -20.20 4.90
C ALA A 279 -5.43 -20.15 5.80
N VAL A 280 -5.74 -18.96 6.29
CA VAL A 280 -6.93 -18.73 7.09
CA VAL A 280 -6.93 -18.73 7.09
C VAL A 280 -7.78 -17.68 6.40
N LEU A 281 -9.06 -17.98 6.24
CA LEU A 281 -10.00 -17.06 5.64
C LEU A 281 -10.48 -16.09 6.72
N GLU A 282 -10.22 -14.80 6.51
CA GLU A 282 -10.78 -13.73 7.35
C GLU A 282 -11.55 -12.84 6.40
N ASP A 283 -12.79 -13.19 6.15
CA ASP A 283 -13.57 -12.53 5.11
C ASP A 283 -15.05 -12.53 5.46
N ASP A 284 -15.46 -11.46 6.12
CA ASP A 284 -16.85 -11.29 6.50
C ASP A 284 -17.12 -9.79 6.53
N VAL A 285 -17.41 -9.25 5.35
CA VAL A 285 -17.50 -7.79 5.21
C VAL A 285 -18.69 -7.21 5.96
N ALA A 286 -19.74 -8.01 6.15
CA ALA A 286 -20.89 -7.58 6.97
C ALA A 286 -20.47 -7.19 8.39
N HIS A 287 -19.39 -7.79 8.91
CA HIS A 287 -18.86 -7.44 10.22
C HIS A 287 -17.44 -6.87 10.13
N GLN A 288 -17.13 -6.29 8.96
CA GLN A 288 -15.83 -5.65 8.71
C GLN A 288 -14.64 -6.52 9.08
N ILE A 289 -14.72 -7.79 8.71
CA ILE A 289 -13.65 -8.75 8.94
C ILE A 289 -12.82 -8.91 7.68
N TYR A 290 -11.54 -8.58 7.82
CA TYR A 290 -10.54 -8.75 6.77
C TYR A 290 -9.17 -8.88 7.41
N PRO A 291 -8.19 -9.41 6.66
CA PRO A 291 -6.86 -9.51 7.25
C PRO A 291 -6.29 -8.13 7.59
N GLN A 292 -5.54 -8.07 8.69
CA GLN A 292 -4.87 -6.84 9.12
C GLN A 292 -3.49 -7.18 9.61
N ALA A 293 -2.50 -6.41 9.16
CA ALA A 293 -1.12 -6.58 9.59
C ALA A 293 -1.00 -6.73 11.10
N ILE A 294 -1.66 -5.85 11.85
CA ILE A 294 -1.51 -5.89 13.31
C ILE A 294 -2.06 -7.16 13.95
N ASN A 295 -3.01 -7.82 13.30
CA ASN A 295 -3.56 -9.10 13.80
C ASN A 295 -2.71 -10.30 13.38
N ALA A 296 -2.02 -10.16 12.24
CA ALA A 296 -1.19 -11.22 11.69
C ALA A 296 0.12 -11.40 12.45
N VAL A 297 0.62 -10.31 13.06
CA VAL A 297 1.88 -10.37 13.78
C VAL A 297 1.84 -11.48 14.84
N GLY A 298 2.85 -12.33 14.82
CA GLY A 298 2.98 -13.40 15.79
C GLY A 298 2.37 -14.73 15.37
N SER A 299 1.61 -14.73 14.27
CA SER A 299 0.98 -15.97 13.80
C SER A 299 1.74 -16.53 12.61
N ARG A 300 1.88 -17.85 12.57
CA ARG A 300 2.45 -18.56 11.43
C ARG A 300 1.51 -18.64 10.22
N ASP A 301 0.22 -18.35 10.44
CA ASP A 301 -0.76 -18.45 9.35
C ASP A 301 -0.69 -17.27 8.39
N THR A 302 -1.27 -17.47 7.21
CA THR A 302 -1.44 -16.43 6.20
C THR A 302 -2.93 -16.15 6.10
N PHE A 303 -3.28 -14.87 6.15
CA PHE A 303 -4.68 -14.45 6.27
C PHE A 303 -5.15 -13.82 4.96
N VAL A 304 -6.32 -14.24 4.51
CA VAL A 304 -6.88 -13.85 3.21
C VAL A 304 -8.32 -13.38 3.33
N GLY A 305 -8.63 -12.24 2.69
CA GLY A 305 -9.98 -11.72 2.66
C GLY A 305 -10.12 -10.69 1.54
N ARG A 306 -11.11 -9.81 1.69
CA ARG A 306 -11.58 -8.92 0.63
C ARG A 306 -11.74 -9.65 -0.72
N ILE A 307 -12.13 -10.92 -0.66
CA ILE A 307 -12.17 -11.73 -1.87
C ILE A 307 -13.41 -11.33 -2.65
N ARG A 308 -13.22 -10.96 -3.90
CA ARG A 308 -14.31 -10.48 -4.72
C ARG A 308 -13.99 -10.53 -6.21
N LYS A 309 -15.01 -10.71 -7.04
CA LYS A 309 -14.74 -10.78 -8.46
C LYS A 309 -14.46 -9.36 -8.98
N ASP A 310 -13.68 -9.31 -10.03
CA ASP A 310 -13.44 -8.06 -10.76
C ASP A 310 -14.78 -7.58 -11.33
N LEU A 311 -14.93 -6.27 -11.44
CA LEU A 311 -16.20 -5.68 -11.92
C LEU A 311 -16.45 -5.90 -13.40
N ASP A 312 -15.43 -6.31 -14.17
CA ASP A 312 -15.57 -6.45 -15.63
C ASP A 312 -15.01 -7.75 -16.24
N ALA A 313 -13.82 -8.15 -15.79
CA ALA A 313 -13.15 -9.33 -16.29
C ALA A 313 -13.80 -10.56 -15.67
N GLU A 314 -14.39 -11.40 -16.51
CA GLU A 314 -15.13 -12.59 -16.08
C GLU A 314 -14.33 -13.48 -15.12
N LYS A 315 -13.05 -13.68 -15.40
CA LYS A 315 -12.23 -14.58 -14.60
C LYS A 315 -11.31 -13.85 -13.62
N GLY A 316 -11.55 -12.55 -13.42
CA GLY A 316 -10.74 -11.72 -12.55
C GLY A 316 -11.22 -11.81 -11.12
N ILE A 317 -10.26 -11.90 -10.19
CA ILE A 317 -10.54 -11.92 -8.76
C ILE A 317 -9.52 -11.04 -8.04
N HIS A 318 -10.01 -10.24 -7.10
CA HIS A 318 -9.16 -9.44 -6.20
C HIS A 318 -9.23 -9.98 -4.79
N MET A 319 -8.11 -9.85 -4.06
CA MET A 319 -8.07 -10.25 -2.66
C MET A 319 -7.03 -9.45 -1.90
N TRP A 320 -7.00 -9.67 -0.59
CA TRP A 320 -6.09 -9.02 0.33
C TRP A 320 -5.42 -10.11 1.17
N VAL A 321 -4.10 -10.16 1.12
CA VAL A 321 -3.31 -11.23 1.72
C VAL A 321 -2.33 -10.63 2.72
N VAL A 322 -2.31 -11.16 3.93
CA VAL A 322 -1.45 -10.64 5.00
C VAL A 322 -0.77 -11.77 5.73
N SER A 323 0.53 -11.63 5.96
CA SER A 323 1.25 -12.54 6.86
C SER A 323 2.42 -11.84 7.52
N ASP A 324 2.83 -12.36 8.67
CA ASP A 324 4.01 -11.89 9.36
C ASP A 324 5.25 -12.25 8.54
N ASN A 325 5.93 -11.23 8.02
CA ASN A 325 7.04 -11.43 7.10
C ASN A 325 8.26 -12.08 7.75
N LEU A 326 8.36 -12.05 9.08
CA LEU A 326 9.46 -12.74 9.76
C LEU A 326 9.13 -14.16 10.16
N LEU A 327 7.84 -14.51 10.15
CA LEU A 327 7.40 -15.88 10.47
C LEU A 327 7.16 -16.65 9.17
N LYS A 328 5.95 -16.69 8.62
CA LYS A 328 5.78 -17.44 7.37
C LYS A 328 6.67 -16.87 6.26
N GLY A 329 6.95 -15.57 6.32
CA GLY A 329 7.82 -14.96 5.33
C GLY A 329 9.28 -15.33 5.44
N ALA A 330 9.70 -15.91 6.55
CA ALA A 330 11.11 -16.20 6.76
C ALA A 330 11.36 -17.34 7.75
N ALA A 331 11.34 -17.03 9.04
CA ALA A 331 11.81 -17.99 10.05
C ALA A 331 10.91 -19.22 10.18
N TRP A 332 9.59 -19.01 10.14
CA TRP A 332 8.67 -20.14 10.21
C TRP A 332 8.73 -20.97 8.94
N ASN A 333 8.75 -20.35 7.76
CA ASN A 333 8.88 -21.15 6.55
C ASN A 333 10.16 -22.01 6.62
N SER A 334 11.24 -21.43 7.11
CA SER A 334 12.51 -22.14 7.24
C SER A 334 12.46 -23.32 8.23
N VAL A 335 11.93 -23.08 9.42
CA VAL A 335 11.76 -24.14 10.42
C VAL A 335 10.79 -25.21 9.91
N GLN A 336 9.71 -24.79 9.27
CA GLN A 336 8.76 -25.74 8.65
C GLN A 336 9.44 -26.61 7.58
N ILE A 337 10.32 -26.01 6.78
CA ILE A 337 11.12 -26.81 5.84
C ILE A 337 11.96 -27.84 6.59
N ALA A 338 12.63 -27.41 7.66
CA ALA A 338 13.47 -28.33 8.45
C ALA A 338 12.65 -29.47 9.04
N GLU A 339 11.47 -29.15 9.56
CA GLU A 339 10.56 -30.17 10.07
C GLU A 339 10.11 -31.12 8.97
N THR A 340 9.87 -30.59 7.78
CA THR A 340 9.43 -31.42 6.65
C THR A 340 10.56 -32.32 6.19
N LEU A 341 11.79 -31.79 6.17
CA LEU A 341 12.96 -32.60 5.86
C LEU A 341 13.08 -33.76 6.86
N HIS A 342 12.86 -33.46 8.14
CA HIS A 342 12.89 -34.49 9.18
C HIS A 342 11.81 -35.55 8.93
N GLU A 343 10.58 -35.12 8.65
CA GLU A 343 9.45 -36.03 8.39
C GLU A 343 9.78 -37.00 7.27
N ARG A 344 10.52 -36.51 6.26
CA ARG A 344 10.80 -37.27 5.05
C ARG A 344 12.15 -37.99 5.05
N GLY A 345 12.87 -37.94 6.17
CA GLY A 345 14.16 -38.63 6.28
C GLY A 345 15.22 -38.00 5.40
N LEU A 346 15.09 -36.69 5.18
CA LEU A 346 15.95 -35.98 4.24
C LEU A 346 17.08 -35.19 4.90
N VAL A 347 17.24 -35.33 6.21
CA VAL A 347 18.35 -34.67 6.92
C VAL A 347 19.53 -35.62 6.95
N ARG A 348 20.41 -35.48 5.95
CA ARG A 348 21.60 -36.31 5.84
C ARG A 348 22.53 -35.66 4.81
N PRO A 349 23.83 -36.01 4.86
CA PRO A 349 24.79 -35.42 3.93
C PRO A 349 24.49 -35.66 2.45
N THR A 350 24.93 -34.72 1.62
CA THR A 350 24.89 -34.86 0.18
C THR A 350 26.31 -35.20 -0.27
N ALA A 351 26.46 -36.34 -0.92
CA ALA A 351 27.77 -36.84 -1.33
C ALA A 351 28.43 -35.95 -2.40
N GLU A 352 27.67 -35.58 -3.42
CA GLU A 352 28.20 -34.77 -4.52
C GLU A 352 27.97 -33.28 -4.32
N LEU A 353 29.06 -32.52 -4.29
CA LEU A 353 28.98 -31.06 -4.17
C LEU A 353 28.61 -30.42 -5.51
N LYS A 354 27.55 -29.63 -5.54
CA LYS A 354 27.09 -28.98 -6.77
C LYS A 354 27.22 -27.44 -6.74
N PHE A 355 27.82 -26.91 -5.68
CA PHE A 355 27.92 -25.47 -5.46
C PHE A 355 29.36 -25.01 -5.29
N GLU A 356 29.70 -23.97 -6.04
CA GLU A 356 31.02 -23.35 -6.08
C GLU A 356 31.52 -22.97 -4.68
N LEU A 357 32.75 -23.37 -4.33
CA LEU A 357 33.40 -22.90 -3.10
C LEU A 357 34.11 -21.59 -3.42
N LYS A 358 33.86 -20.57 -2.60
CA LYS A 358 34.29 -19.21 -2.92
C LYS A 358 35.52 -18.74 -2.12
N LEU A 359 36.14 -19.61 -1.33
CA LEU A 359 37.27 -19.23 -0.47
C LEU A 359 38.53 -20.12 -0.65
N GLU A 360 39.30 -19.81 -1.68
CA GLU A 360 40.56 -20.54 -1.96
C GLU A 360 41.53 -20.49 -0.79
N GLY B 2 -15.91 42.35 -7.43
CA GLY B 2 -15.39 41.11 -6.79
C GLY B 2 -16.50 40.26 -6.21
N TYR B 3 -16.12 39.12 -5.65
CA TYR B 3 -17.07 38.12 -5.19
C TYR B 3 -17.17 38.07 -3.68
N THR B 4 -18.35 37.67 -3.20
CA THR B 4 -18.53 37.22 -1.83
C THR B 4 -18.41 35.71 -1.88
N VAL B 5 -17.47 35.18 -1.12
CA VAL B 5 -17.17 33.74 -1.12
C VAL B 5 -17.43 33.19 0.29
N ALA B 6 -18.24 32.13 0.36
CA ALA B 6 -18.49 31.43 1.62
C ALA B 6 -17.80 30.06 1.62
N VAL B 7 -17.13 29.74 2.72
CA VAL B 7 -16.55 28.41 2.93
C VAL B 7 -17.43 27.74 3.98
N VAL B 8 -18.12 26.68 3.56
CA VAL B 8 -18.99 25.91 4.44
C VAL B 8 -18.18 24.68 4.90
N GLY B 9 -17.97 24.59 6.21
CA GLY B 9 -17.03 23.64 6.80
C GLY B 9 -15.63 24.22 6.91
N ALA B 10 -15.53 25.49 7.28
CA ALA B 10 -14.27 26.21 7.31
C ALA B 10 -13.30 25.71 8.40
N THR B 11 -13.83 25.05 9.43
CA THR B 11 -13.04 24.67 10.59
C THR B 11 -12.41 23.27 10.48
N GLY B 12 -12.82 22.49 9.49
CA GLY B 12 -12.32 21.12 9.32
C GLY B 12 -10.99 21.00 8.59
N ALA B 13 -10.58 19.76 8.33
CA ALA B 13 -9.30 19.48 7.63
C ALA B 13 -9.26 20.11 6.23
N VAL B 14 -10.30 19.85 5.45
CA VAL B 14 -10.40 20.43 4.11
C VAL B 14 -10.60 21.96 4.21
N GLY B 15 -11.47 22.39 5.12
CA GLY B 15 -11.76 23.81 5.29
C GLY B 15 -10.52 24.66 5.49
N ALA B 16 -9.61 24.18 6.33
CA ALA B 16 -8.33 24.87 6.55
C ALA B 16 -7.51 25.03 5.27
N GLN B 17 -7.54 24.01 4.41
CA GLN B 17 -6.83 24.10 3.13
C GLN B 17 -7.61 24.92 2.12
N MET B 18 -8.93 24.96 2.23
CA MET B 18 -9.74 25.86 1.41
C MET B 18 -9.35 27.30 1.70
N ILE B 19 -9.16 27.59 2.98
CA ILE B 19 -8.77 28.92 3.40
C ILE B 19 -7.40 29.25 2.78
N LYS B 20 -6.44 28.35 2.93
CA LYS B 20 -5.09 28.58 2.38
C LYS B 20 -5.13 28.75 0.87
N MET B 21 -5.87 27.89 0.19
CA MET B 21 -5.97 27.98 -1.27
C MET B 21 -6.67 29.27 -1.73
N LEU B 22 -7.68 29.74 -1.00
CA LEU B 22 -8.30 31.02 -1.31
C LEU B 22 -7.38 32.21 -1.03
N GLU B 23 -6.64 32.13 0.08
CA GLU B 23 -5.66 33.17 0.40
C GLU B 23 -4.62 33.30 -0.72
N GLU B 24 -4.34 32.19 -1.38
CA GLU B 24 -3.34 32.15 -2.45
C GLU B 24 -3.92 32.21 -3.85
N SER B 25 -5.22 32.45 -3.93
CA SER B 25 -5.95 32.46 -5.20
C SER B 25 -5.90 33.81 -5.87
N THR B 26 -6.13 33.80 -7.18
CA THR B 26 -6.29 35.03 -7.95
C THR B 26 -7.72 35.57 -7.91
N LEU B 27 -8.66 34.77 -7.41
CA LEU B 27 -10.08 35.16 -7.38
C LEU B 27 -10.23 36.54 -6.75
N PRO B 28 -10.99 37.43 -7.39
CA PRO B 28 -11.24 38.74 -6.80
C PRO B 28 -12.29 38.60 -5.70
N ILE B 29 -11.83 38.59 -4.46
CA ILE B 29 -12.71 38.36 -3.34
C ILE B 29 -12.91 39.67 -2.60
N ASP B 30 -14.15 40.16 -2.59
CA ASP B 30 -14.53 41.38 -1.88
C ASP B 30 -14.91 41.08 -0.43
N LYS B 31 -15.43 39.88 -0.18
CA LYS B 31 -15.91 39.49 1.15
C LYS B 31 -15.78 37.99 1.33
N ILE B 32 -15.21 37.59 2.46
CA ILE B 32 -15.09 36.19 2.82
C ILE B 32 -16.00 35.90 4.02
N ARG B 33 -16.70 34.78 3.96
CA ARG B 33 -17.55 34.33 5.06
C ARG B 33 -17.21 32.89 5.37
N TYR B 34 -17.12 32.59 6.67
CA TYR B 34 -16.83 31.24 7.13
C TYR B 34 -18.05 30.67 7.82
N LEU B 35 -18.51 29.51 7.32
CA LEU B 35 -19.69 28.85 7.84
C LEU B 35 -19.30 27.48 8.38
N ALA B 36 -19.94 27.07 9.48
CA ALA B 36 -19.75 25.74 10.07
C ALA B 36 -21.00 25.34 10.87
N SER B 37 -20.85 24.46 11.87
CA SER B 37 -22.00 24.07 12.71
C SER B 37 -22.20 25.08 13.84
N ALA B 38 -23.27 24.87 14.60
CA ALA B 38 -23.61 25.77 15.71
C ALA B 38 -22.50 25.90 16.76
N ARG B 39 -21.77 24.80 17.00
CA ARG B 39 -20.71 24.79 18.03
C ARG B 39 -19.44 25.57 17.68
N SER B 40 -19.24 25.88 16.40
CA SER B 40 -18.14 26.75 15.98
C SER B 40 -18.59 28.21 15.79
N ALA B 41 -19.89 28.42 15.69
CA ALA B 41 -20.45 29.75 15.45
C ALA B 41 -20.05 30.72 16.56
N GLY B 42 -19.43 31.82 16.19
CA GLY B 42 -18.97 32.83 17.15
C GLY B 42 -17.47 32.89 17.33
N LYS B 43 -16.78 31.78 17.05
CA LYS B 43 -15.33 31.76 17.12
C LYS B 43 -14.75 32.59 15.98
N SER B 44 -13.47 32.95 16.11
CA SER B 44 -12.78 33.72 15.09
C SER B 44 -11.74 32.87 14.38
N LEU B 45 -11.63 33.09 13.07
CA LEU B 45 -10.67 32.38 12.23
C LEU B 45 -10.13 33.41 11.24
N LYS B 46 -8.83 33.33 10.94
CA LYS B 46 -8.20 34.32 10.06
C LYS B 46 -8.53 34.09 8.57
N PHE B 47 -8.59 35.20 7.83
CA PHE B 47 -8.35 35.19 6.38
C PHE B 47 -7.26 36.22 6.18
N LYS B 48 -6.08 35.73 5.78
CA LYS B 48 -4.88 36.55 5.71
C LYS B 48 -4.63 37.23 7.07
N ASP B 49 -4.82 38.54 7.15
CA ASP B 49 -4.67 39.28 8.41
C ASP B 49 -6.02 39.62 9.06
N GLN B 50 -7.12 39.37 8.36
CA GLN B 50 -8.45 39.73 8.82
C GLN B 50 -9.01 38.67 9.73
N ASP B 51 -9.68 39.10 10.80
CA ASP B 51 -10.37 38.18 11.70
C ASP B 51 -11.78 37.98 11.16
N ILE B 52 -12.13 36.74 10.84
CA ILE B 52 -13.48 36.41 10.36
C ILE B 52 -14.24 35.63 11.43
N THR B 53 -15.44 36.08 11.77
CA THR B 53 -16.29 35.39 12.73
C THR B 53 -17.04 34.25 12.06
N ILE B 54 -16.93 33.05 12.62
CA ILE B 54 -17.59 31.88 12.06
C ILE B 54 -19.09 31.95 12.32
N GLU B 55 -19.87 31.66 11.29
CA GLU B 55 -21.32 31.72 11.35
C GLU B 55 -21.90 30.32 11.28
N GLU B 56 -23.07 30.14 11.88
CA GLU B 56 -23.76 28.86 11.77
C GLU B 56 -24.35 28.72 10.37
N THR B 57 -24.30 27.50 9.83
CA THR B 57 -24.85 27.21 8.52
C THR B 57 -26.37 26.99 8.62
N THR B 58 -27.13 27.82 7.91
CA THR B 58 -28.58 27.73 7.91
C THR B 58 -29.14 27.95 6.50
N GLU B 59 -30.44 27.73 6.35
CA GLU B 59 -31.16 27.89 5.08
C GLU B 59 -31.18 29.32 4.58
N THR B 60 -30.97 30.28 5.47
CA THR B 60 -31.05 31.69 5.13
C THR B 60 -29.70 32.40 5.17
N ALA B 61 -28.61 31.63 5.26
CA ALA B 61 -27.27 32.19 5.46
C ALA B 61 -26.54 32.57 4.17
N PHE B 62 -27.14 32.28 3.00
CA PHE B 62 -26.44 32.43 1.72
C PHE B 62 -26.86 33.65 0.90
N GLU B 63 -27.67 34.54 1.47
CA GLU B 63 -28.06 35.74 0.75
C GLU B 63 -26.82 36.60 0.49
N GLY B 64 -26.66 37.02 -0.76
CA GLY B 64 -25.53 37.88 -1.16
C GLY B 64 -24.27 37.13 -1.57
N VAL B 65 -24.25 35.81 -1.38
CA VAL B 65 -23.08 35.00 -1.67
C VAL B 65 -23.01 34.68 -3.17
N ASP B 66 -21.84 34.86 -3.77
CA ASP B 66 -21.61 34.52 -5.17
C ASP B 66 -21.12 33.09 -5.37
N ILE B 67 -20.16 32.67 -4.53
CA ILE B 67 -19.56 31.33 -4.63
C ILE B 67 -19.54 30.72 -3.23
N ALA B 68 -20.01 29.48 -3.11
CA ALA B 68 -19.93 28.76 -1.84
C ALA B 68 -19.16 27.45 -2.07
N LEU B 69 -18.10 27.28 -1.28
CA LEU B 69 -17.31 26.06 -1.32
C LEU B 69 -17.75 25.21 -0.13
N PHE B 70 -18.38 24.07 -0.42
CA PHE B 70 -18.90 23.17 0.60
C PHE B 70 -17.94 22.02 0.91
N SER B 71 -17.50 21.92 2.15
CA SER B 71 -16.76 20.73 2.61
C SER B 71 -17.08 20.43 4.05
N ALA B 72 -18.36 20.16 4.28
CA ALA B 72 -18.89 19.97 5.61
C ALA B 72 -19.63 18.64 5.77
N GLY B 73 -19.50 17.75 4.79
CA GLY B 73 -20.16 16.45 4.81
C GLY B 73 -21.38 16.40 3.91
N SER B 74 -21.67 15.19 3.42
CA SER B 74 -22.77 14.97 2.49
C SER B 74 -24.11 15.49 3.01
N SER B 75 -24.38 15.28 4.31
CA SER B 75 -25.65 15.69 4.89
C SER B 75 -25.80 17.22 4.86
N THR B 76 -24.72 17.94 5.16
CA THR B 76 -24.74 19.41 5.12
C THR B 76 -24.94 19.93 3.69
N SER B 77 -24.34 19.28 2.70
CA SER B 77 -24.53 19.67 1.31
C SER B 77 -25.96 19.38 0.85
N ALA B 78 -26.46 18.20 1.20
CA ALA B 78 -27.82 17.81 0.85
C ALA B 78 -28.84 18.79 1.39
N LYS B 79 -28.66 19.21 2.64
CA LYS B 79 -29.60 20.13 3.30
C LYS B 79 -29.54 21.56 2.76
N TYR B 80 -28.34 22.09 2.56
CA TYR B 80 -28.16 23.54 2.38
C TYR B 80 -27.73 23.98 0.99
N ALA B 81 -27.03 23.13 0.23
CA ALA B 81 -26.60 23.53 -1.12
C ALA B 81 -27.78 23.98 -1.98
N PRO B 82 -28.92 23.27 -1.93
CA PRO B 82 -30.08 23.72 -2.72
C PRO B 82 -30.63 25.10 -2.35
N TYR B 83 -30.57 25.46 -1.06
CA TYR B 83 -30.94 26.81 -0.61
C TYR B 83 -29.92 27.83 -1.09
N ALA B 84 -28.65 27.46 -1.11
CA ALA B 84 -27.63 28.34 -1.69
C ALA B 84 -27.90 28.59 -3.18
N VAL B 85 -28.23 27.55 -3.93
CA VAL B 85 -28.57 27.71 -5.35
C VAL B 85 -29.80 28.62 -5.54
N LYS B 86 -30.84 28.39 -4.73
CA LYS B 86 -32.04 29.24 -4.73
C LYS B 86 -31.69 30.72 -4.49
N ALA B 87 -30.72 30.96 -3.62
CA ALA B 87 -30.27 32.32 -3.28
C ALA B 87 -29.40 32.96 -4.35
N GLY B 88 -29.07 32.20 -5.40
CA GLY B 88 -28.29 32.70 -6.52
C GLY B 88 -26.81 32.36 -6.48
N VAL B 89 -26.41 31.46 -5.59
CA VAL B 89 -25.01 31.11 -5.40
C VAL B 89 -24.58 30.11 -6.47
N VAL B 90 -23.29 30.07 -6.77
CA VAL B 90 -22.73 28.91 -7.47
C VAL B 90 -21.98 28.08 -6.43
N VAL B 91 -22.38 26.82 -6.29
CA VAL B 91 -21.83 25.91 -5.28
C VAL B 91 -20.77 25.01 -5.90
N VAL B 92 -19.63 24.90 -5.22
CA VAL B 92 -18.63 23.89 -5.54
C VAL B 92 -18.59 22.95 -4.34
N ASP B 93 -19.05 21.72 -4.55
CA ASP B 93 -19.27 20.77 -3.48
C ASP B 93 -18.20 19.69 -3.46
N ASN B 94 -17.47 19.57 -2.34
CA ASN B 94 -16.43 18.55 -2.17
C ASN B 94 -16.97 17.17 -1.80
N THR B 95 -18.25 17.08 -1.48
CA THR B 95 -18.81 15.83 -0.94
C THR B 95 -19.28 14.94 -2.07
N SER B 96 -19.66 13.72 -1.73
CA SER B 96 -20.10 12.75 -2.73
C SER B 96 -21.57 12.90 -3.12
N TYR B 97 -22.32 13.74 -2.41
CA TYR B 97 -23.79 13.71 -2.49
C TYR B 97 -24.34 13.95 -3.90
N PHE B 98 -23.85 14.97 -4.59
CA PHE B 98 -24.36 15.33 -5.91
C PHE B 98 -23.56 14.78 -7.10
N ARG B 99 -22.52 13.99 -6.85
CA ARG B 99 -21.58 13.61 -7.92
C ARG B 99 -22.20 12.85 -9.09
N GLN B 100 -23.19 12.01 -8.81
CA GLN B 100 -23.79 11.15 -9.83
C GLN B 100 -25.14 11.70 -10.32
N ASN B 101 -25.45 12.93 -9.95
CA ASN B 101 -26.64 13.61 -10.43
C ASN B 101 -26.34 14.12 -11.84
N PRO B 102 -27.16 13.75 -12.84
CA PRO B 102 -26.84 14.15 -14.22
C PRO B 102 -26.93 15.66 -14.47
N ASP B 103 -27.59 16.38 -13.56
CA ASP B 103 -27.65 17.84 -13.63
C ASP B 103 -26.42 18.52 -13.00
N VAL B 104 -25.46 17.72 -12.53
CA VAL B 104 -24.28 18.23 -11.83
C VAL B 104 -23.00 17.81 -12.55
N PRO B 105 -22.23 18.80 -13.05
CA PRO B 105 -20.93 18.45 -13.58
C PRO B 105 -19.98 17.96 -12.47
N LEU B 106 -19.18 16.95 -12.80
CA LEU B 106 -18.23 16.35 -11.88
C LEU B 106 -16.85 16.60 -12.47
N VAL B 107 -16.16 17.60 -11.95
CA VAL B 107 -15.05 18.19 -12.70
C VAL B 107 -13.66 18.13 -12.11
N VAL B 108 -12.71 17.76 -12.98
CA VAL B 108 -11.29 17.98 -12.78
C VAL B 108 -10.90 18.97 -13.88
N PRO B 109 -10.55 20.22 -13.51
CA PRO B 109 -10.45 21.23 -14.57
C PRO B 109 -9.52 20.91 -15.76
N GLU B 110 -8.45 20.19 -15.51
CA GLU B 110 -7.53 19.80 -16.59
C GLU B 110 -8.12 18.79 -17.57
N VAL B 111 -9.16 18.08 -17.14
CA VAL B 111 -9.71 16.96 -17.90
C VAL B 111 -11.03 17.31 -18.57
N ASN B 112 -11.98 17.85 -17.81
CA ASN B 112 -13.31 18.11 -18.34
C ASN B 112 -13.90 19.46 -17.92
N ALA B 113 -13.08 20.51 -18.03
CA ALA B 113 -13.58 21.88 -17.80
C ALA B 113 -14.78 22.22 -18.66
N HIS B 114 -14.86 21.64 -19.87
CA HIS B 114 -16.00 21.85 -20.76
C HIS B 114 -17.35 21.57 -20.10
N ALA B 115 -17.37 20.65 -19.14
CA ALA B 115 -18.61 20.29 -18.45
C ALA B 115 -19.16 21.41 -17.55
N LEU B 116 -18.32 22.40 -17.24
CA LEU B 116 -18.74 23.51 -16.40
C LEU B 116 -19.77 24.40 -17.07
N ASP B 117 -19.68 24.54 -18.39
CA ASP B 117 -20.47 25.56 -19.11
C ASP B 117 -21.97 25.39 -18.87
N ALA B 118 -22.41 24.13 -18.81
CA ALA B 118 -23.84 23.82 -18.63
C ALA B 118 -24.28 23.60 -17.18
N HIS B 119 -23.57 24.16 -16.20
CA HIS B 119 -23.91 23.92 -14.80
C HIS B 119 -25.25 24.54 -14.39
N ASN B 120 -25.86 23.92 -13.38
CA ASN B 120 -27.15 24.35 -12.84
C ASN B 120 -27.04 24.83 -11.39
N GLY B 121 -25.84 25.28 -11.03
CA GLY B 121 -25.59 25.95 -9.77
C GLY B 121 -24.77 25.12 -8.80
N ILE B 122 -24.59 23.84 -9.10
CA ILE B 122 -23.74 22.97 -8.27
C ILE B 122 -22.73 22.29 -9.18
N ILE B 123 -21.45 22.44 -8.83
CA ILE B 123 -20.38 21.68 -9.46
C ILE B 123 -19.79 20.79 -8.39
N ALA B 124 -19.62 19.52 -8.71
CA ALA B 124 -19.10 18.57 -7.76
C ALA B 124 -17.61 18.35 -8.00
N CYS B 125 -16.84 18.44 -6.92
CA CYS B 125 -15.46 17.98 -6.89
C CYS B 125 -15.50 16.46 -6.70
N PRO B 126 -14.70 15.70 -7.48
CA PRO B 126 -14.68 14.25 -7.29
C PRO B 126 -13.93 13.84 -6.04
N ASN B 127 -13.99 12.56 -5.74
CA ASN B 127 -13.17 11.94 -4.72
C ASN B 127 -11.66 12.18 -4.91
N CYS B 128 -10.94 12.41 -3.81
CA CYS B 128 -9.49 12.70 -3.88
C CYS B 128 -8.69 11.63 -4.64
N SER B 129 -8.98 10.35 -4.35
CA SER B 129 -8.28 9.25 -5.01
CA SER B 129 -8.27 9.27 -5.00
C SER B 129 -8.54 9.26 -6.51
N THR B 130 -9.77 9.58 -6.89
CA THR B 130 -10.12 9.63 -8.30
C THR B 130 -9.42 10.80 -8.99
N ILE B 131 -9.44 11.98 -8.37
CA ILE B 131 -8.89 13.17 -9.00
C ILE B 131 -7.44 12.95 -9.45
N GLN B 132 -6.58 12.46 -8.54
CA GLN B 132 -5.16 12.34 -8.91
C GLN B 132 -4.96 11.31 -10.03
N MET B 133 -5.77 10.26 -10.01
CA MET B 133 -5.69 9.25 -11.05
C MET B 133 -6.10 9.81 -12.42
N MET B 134 -7.09 10.70 -12.44
CA MET B 134 -7.55 11.33 -13.68
C MET B 134 -6.49 12.27 -14.27
N VAL B 135 -5.82 13.01 -13.40
CA VAL B 135 -4.75 13.91 -13.84
C VAL B 135 -3.61 13.08 -14.48
N ALA B 136 -3.24 11.96 -13.86
CA ALA B 136 -2.21 11.08 -14.45
C ALA B 136 -2.63 10.40 -15.77
N LEU B 137 -3.87 9.95 -15.84
CA LEU B 137 -4.28 9.08 -16.95
C LEU B 137 -4.87 9.79 -18.16
N GLU B 138 -5.46 10.96 -17.96
CA GLU B 138 -6.05 11.68 -19.09
C GLU B 138 -5.08 11.88 -20.26
N PRO B 139 -3.83 12.30 -19.99
CA PRO B 139 -2.90 12.46 -21.12
C PRO B 139 -2.57 11.18 -21.89
N VAL B 140 -2.64 10.05 -21.19
CA VAL B 140 -2.46 8.73 -21.80
C VAL B 140 -3.71 8.38 -22.62
N ARG B 141 -4.89 8.55 -22.02
CA ARG B 141 -6.16 8.28 -22.73
C ARG B 141 -6.28 9.07 -24.04
N GLN B 142 -5.87 10.33 -24.02
CA GLN B 142 -5.96 11.20 -25.20
C GLN B 142 -5.24 10.63 -26.42
N LYS B 143 -4.07 10.01 -26.17
CA LYS B 143 -3.18 9.56 -27.24
C LYS B 143 -3.33 8.08 -27.62
N TRP B 144 -3.60 7.22 -26.64
CA TRP B 144 -3.66 5.77 -26.88
C TRP B 144 -4.90 5.07 -26.31
N GLY B 145 -5.82 5.83 -25.73
CA GLY B 145 -7.06 5.27 -25.19
C GLY B 145 -6.87 4.50 -23.88
N LEU B 146 -7.98 4.20 -23.21
CA LEU B 146 -7.98 3.42 -21.97
C LEU B 146 -9.05 2.35 -22.07
N ASP B 147 -8.62 1.10 -21.94
CA ASP B 147 -9.49 -0.05 -21.95
C ASP B 147 -9.89 -0.43 -20.52
N ARG B 148 -8.90 -0.54 -19.64
CA ARG B 148 -9.18 -0.85 -18.24
C ARG B 148 -8.16 -0.24 -17.30
N ILE B 149 -8.58 -0.13 -16.03
CA ILE B 149 -7.73 0.32 -14.92
C ILE B 149 -7.90 -0.64 -13.76
N ILE B 150 -6.79 -1.05 -13.15
CA ILE B 150 -6.82 -1.70 -11.84
C ILE B 150 -5.97 -0.81 -10.94
N VAL B 151 -6.52 -0.39 -9.81
CA VAL B 151 -5.78 0.49 -8.90
C VAL B 151 -5.83 -0.03 -7.48
N SER B 152 -4.69 0.03 -6.80
CA SER B 152 -4.61 -0.23 -5.38
C SER B 152 -4.06 1.02 -4.73
N THR B 153 -4.82 1.55 -3.77
CA THR B 153 -4.46 2.82 -3.15
C THR B 153 -3.78 2.68 -1.78
N TYR B 154 -3.09 3.74 -1.41
CA TYR B 154 -2.31 3.84 -0.18
C TYR B 154 -2.70 5.21 0.40
N GLN B 155 -3.83 5.24 1.11
CA GLN B 155 -4.47 6.51 1.42
C GLN B 155 -4.15 7.04 2.80
N ALA B 156 -3.88 8.33 2.85
CA ALA B 156 -3.62 9.08 4.07
C ALA B 156 -4.85 9.26 4.94
N VAL B 157 -4.64 9.35 6.25
CA VAL B 157 -5.76 9.44 7.20
C VAL B 157 -6.53 10.78 7.21
N SER B 158 -5.92 11.85 6.71
CA SER B 158 -6.61 13.16 6.69
C SER B 158 -7.81 13.14 5.76
N GLY B 159 -7.86 12.15 4.86
CA GLY B 159 -9.03 11.94 4.04
C GLY B 159 -10.29 11.68 4.87
N ALA B 160 -10.10 11.18 6.09
CA ALA B 160 -11.21 10.85 6.98
C ALA B 160 -11.52 11.97 7.98
N GLY B 161 -10.81 13.08 7.88
CA GLY B 161 -11.10 14.28 8.68
C GLY B 161 -10.13 14.54 9.81
N MET B 162 -10.27 15.70 10.45
CA MET B 162 -9.34 16.09 11.49
C MET B 162 -9.29 15.06 12.63
N GLY B 163 -10.44 14.50 13.00
CA GLY B 163 -10.51 13.54 14.10
C GLY B 163 -9.64 12.31 13.81
N ALA B 164 -9.68 11.84 12.58
CA ALA B 164 -8.87 10.69 12.17
C ALA B 164 -7.37 10.98 12.26
N ILE B 165 -6.97 12.18 11.90
CA ILE B 165 -5.58 12.58 12.04
C ILE B 165 -5.15 12.46 13.51
N LEU B 166 -5.96 13.02 14.41
CA LEU B 166 -5.62 13.05 15.84
C LEU B 166 -5.64 11.65 16.45
N GLU B 167 -6.58 10.82 16.00
CA GLU B 167 -6.64 9.43 16.43
C GLU B 167 -5.35 8.71 16.04
N THR B 168 -4.92 8.91 14.79
CA THR B 168 -3.70 8.26 14.29
C THR B 168 -2.48 8.66 15.10
N GLN B 169 -2.33 9.96 15.35
CA GLN B 169 -1.21 10.49 16.13
C GLN B 169 -1.21 9.94 17.56
N ARG B 170 -2.38 9.94 18.21
CA ARG B 170 -2.50 9.39 19.57
C ARG B 170 -2.12 7.90 19.61
N GLU B 171 -2.63 7.14 18.65
CA GLU B 171 -2.34 5.70 18.58
C GLU B 171 -0.85 5.45 18.43
N LEU B 172 -0.19 6.17 17.53
CA LEU B 172 1.24 5.99 17.30
C LEU B 172 2.06 6.30 18.56
N ARG B 173 1.69 7.38 19.26
CA ARG B 173 2.37 7.72 20.51
C ARG B 173 2.18 6.65 21.57
N GLU B 174 0.99 6.06 21.67
CA GLU B 174 0.77 4.98 22.63
C GLU B 174 1.70 3.80 22.36
N VAL B 175 1.87 3.45 21.09
CA VAL B 175 2.74 2.33 20.72
C VAL B 175 4.20 2.68 21.01
N LEU B 176 4.64 3.81 20.46
CA LEU B 176 6.05 4.21 20.54
C LEU B 176 6.48 4.67 21.95
N ASN B 177 5.61 5.37 22.66
CA ASN B 177 5.96 5.94 23.98
C ASN B 177 5.55 5.07 25.17
N ASP B 178 4.41 4.39 25.07
CA ASP B 178 3.90 3.56 26.16
C ASP B 178 4.06 2.04 25.92
N GLY B 179 4.57 1.64 24.76
CA GLY B 179 4.81 0.23 24.46
C GLY B 179 3.55 -0.62 24.27
N VAL B 180 2.43 0.03 23.93
CA VAL B 180 1.19 -0.67 23.68
C VAL B 180 1.35 -1.45 22.37
N LYS B 181 0.91 -2.70 22.35
CA LYS B 181 0.91 -3.47 21.11
C LYS B 181 -0.18 -2.89 20.18
N PRO B 182 0.13 -2.69 18.88
CA PRO B 182 -0.89 -2.10 18.01
C PRO B 182 -2.25 -2.79 18.06
N CYS B 183 -2.26 -4.11 18.11
CA CYS B 183 -3.52 -4.88 18.15
C CYS B 183 -4.33 -4.64 19.45
N ASP B 184 -3.72 -4.03 20.46
CA ASP B 184 -4.41 -3.71 21.73
C ASP B 184 -4.90 -2.28 21.83
N LEU B 185 -4.65 -1.46 20.80
CA LEU B 185 -5.12 -0.07 20.80
C LEU B 185 -6.63 0.02 20.70
N HIS B 186 -7.18 1.07 21.26
CA HIS B 186 -8.60 1.40 21.12
C HIS B 186 -8.76 2.46 20.04
N ALA B 187 -9.75 2.26 19.17
CA ALA B 187 -10.07 3.20 18.10
C ALA B 187 -11.55 3.53 18.12
N GLU B 188 -11.87 4.75 17.70
CA GLU B 188 -13.24 5.24 17.65
C GLU B 188 -13.67 5.74 16.26
N ILE B 189 -12.72 5.98 15.35
CA ILE B 189 -13.06 6.57 14.05
C ILE B 189 -12.73 5.65 12.88
N LEU B 190 -11.45 5.40 12.64
CA LEU B 190 -11.04 4.57 11.51
C LEU B 190 -11.47 3.11 11.69
N PRO B 191 -11.70 2.40 10.59
CA PRO B 191 -11.55 2.83 9.19
C PRO B 191 -12.65 3.78 8.69
N SER B 192 -13.84 3.73 9.26
CA SER B 192 -14.96 4.57 8.82
C SER B 192 -15.79 5.06 10.00
N GLY B 193 -15.86 6.36 10.18
CA GLY B 193 -16.54 6.97 11.32
C GLY B 193 -17.94 6.45 11.54
N GLY B 194 -18.68 6.31 10.43
CA GLY B 194 -20.09 5.94 10.48
C GLY B 194 -20.36 4.45 10.56
N ASP B 195 -19.33 3.63 10.36
CA ASP B 195 -19.52 2.17 10.42
C ASP B 195 -19.49 1.68 11.88
N LYS B 196 -19.80 0.40 12.07
CA LYS B 196 -20.07 -0.17 13.40
C LYS B 196 -18.83 -0.44 14.24
N LYS B 197 -17.75 -0.89 13.60
CA LYS B 197 -16.57 -1.31 14.32
C LYS B 197 -15.38 -0.48 13.90
N HIS B 198 -14.49 -0.20 14.84
CA HIS B 198 -13.35 0.66 14.59
C HIS B 198 -12.07 -0.08 14.95
N TYR B 199 -11.02 0.16 14.16
CA TYR B 199 -9.77 -0.58 14.29
C TYR B 199 -8.60 0.39 14.29
N PRO B 200 -7.49 0.01 14.94
CA PRO B 200 -6.27 0.80 14.89
C PRO B 200 -5.69 0.95 13.48
N ILE B 201 -5.13 2.12 13.21
CA ILE B 201 -4.39 2.38 11.97
C ILE B 201 -2.87 2.34 12.21
N ALA B 202 -2.45 2.61 13.46
CA ALA B 202 -1.04 2.63 13.80
C ALA B 202 -0.37 1.31 13.42
N PHE B 203 0.70 1.42 12.64
CA PHE B 203 1.44 0.24 12.16
C PHE B 203 0.55 -0.79 11.47
N ASN B 204 -0.46 -0.31 10.75
CA ASN B 204 -1.45 -1.17 10.13
C ASN B 204 -1.74 -0.72 8.70
N ALA B 205 -2.37 -1.60 7.93
CA ALA B 205 -2.92 -1.25 6.64
C ALA B 205 -4.34 -1.76 6.62
N LEU B 206 -5.30 -0.83 6.61
CA LEU B 206 -6.72 -1.20 6.68
C LEU B 206 -7.35 -1.19 5.30
N PRO B 207 -7.77 -2.36 4.78
CA PRO B 207 -8.39 -2.44 3.47
C PRO B 207 -9.89 -2.10 3.48
N GLN B 208 -10.22 -0.98 4.10
CA GLN B 208 -11.57 -0.46 4.10
C GLN B 208 -11.49 1.05 4.18
N ILE B 209 -12.06 1.70 3.18
CA ILE B 209 -12.32 3.12 3.19
C ILE B 209 -13.79 3.30 2.83
N ASP B 210 -14.50 4.09 3.64
CA ASP B 210 -15.96 4.21 3.58
C ASP B 210 -16.60 2.87 3.97
N VAL B 211 -17.91 2.75 3.77
CA VAL B 211 -18.63 1.55 4.16
C VAL B 211 -18.73 0.59 2.98
N PHE B 212 -19.10 -0.66 3.26
CA PHE B 212 -19.23 -1.66 2.23
C PHE B 212 -20.53 -1.49 1.47
N THR B 213 -20.48 -1.71 0.17
CA THR B 213 -21.68 -1.75 -0.66
C THR B 213 -22.09 -3.20 -0.84
N ASP B 214 -23.25 -3.39 -1.46
CA ASP B 214 -23.84 -4.71 -1.63
C ASP B 214 -23.01 -5.67 -2.49
N ASN B 215 -22.05 -5.16 -3.27
CA ASN B 215 -21.21 -6.02 -4.10
C ASN B 215 -19.85 -6.36 -3.46
N ASP B 216 -19.67 -6.00 -2.18
CA ASP B 216 -18.46 -6.32 -1.41
C ASP B 216 -17.25 -5.43 -1.73
N TYR B 217 -17.39 -4.51 -2.67
CA TYR B 217 -16.49 -3.36 -2.77
C TYR B 217 -16.99 -2.28 -1.83
N THR B 218 -16.07 -1.45 -1.34
CA THR B 218 -16.49 -0.33 -0.51
C THR B 218 -16.98 0.81 -1.38
N TYR B 219 -17.66 1.75 -0.74
CA TYR B 219 -18.13 2.93 -1.46
C TYR B 219 -16.94 3.72 -2.02
N GLU B 220 -15.78 3.71 -1.35
CA GLU B 220 -14.60 4.41 -1.91
C GLU B 220 -14.17 3.78 -3.23
N GLU B 221 -14.14 2.45 -3.26
CA GLU B 221 -13.71 1.71 -4.45
C GLU B 221 -14.69 1.97 -5.62
N MET B 222 -15.98 1.93 -5.31
CA MET B 222 -17.02 2.18 -6.30
C MET B 222 -17.06 3.61 -6.80
N LYS B 223 -16.77 4.57 -5.92
CA LYS B 223 -16.62 5.97 -6.35
C LYS B 223 -15.51 6.09 -7.38
N MET B 224 -14.40 5.41 -7.16
CA MET B 224 -13.32 5.46 -8.16
C MET B 224 -13.81 4.93 -9.51
N THR B 225 -14.60 3.87 -9.47
CA THR B 225 -15.14 3.28 -10.69
C THR B 225 -16.13 4.23 -11.39
N LYS B 226 -17.14 4.68 -10.67
CA LYS B 226 -18.23 5.46 -11.27
C LYS B 226 -17.79 6.89 -11.61
N GLU B 227 -16.96 7.48 -10.77
CA GLU B 227 -16.50 8.85 -11.01
C GLU B 227 -15.58 8.91 -12.22
N THR B 228 -14.70 7.92 -12.37
CA THR B 228 -13.85 7.85 -13.56
C THR B 228 -14.69 7.85 -14.84
N LYS B 229 -15.72 7.03 -14.87
CA LYS B 229 -16.54 6.90 -16.07
C LYS B 229 -17.26 8.20 -16.41
N LYS B 230 -17.72 8.93 -15.39
CA LYS B 230 -18.41 10.21 -15.61
C LYS B 230 -17.42 11.30 -16.05
N ILE B 231 -16.28 11.38 -15.36
CA ILE B 231 -15.31 12.41 -15.68
C ILE B 231 -14.74 12.25 -17.09
N MET B 232 -14.42 11.01 -17.46
CA MET B 232 -13.85 10.74 -18.78
C MET B 232 -14.93 10.48 -19.84
N GLU B 233 -16.20 10.53 -19.43
CA GLU B 233 -17.35 10.42 -20.32
C GLU B 233 -17.24 9.16 -21.16
N ASP B 234 -16.93 8.05 -20.48
CA ASP B 234 -16.77 6.78 -21.15
C ASP B 234 -17.09 5.65 -20.17
N ASP B 235 -18.31 5.14 -20.27
CA ASP B 235 -18.78 4.05 -19.42
C ASP B 235 -18.11 2.72 -19.79
N SER B 236 -17.43 2.67 -20.92
CA SER B 236 -16.78 1.45 -21.39
C SER B 236 -15.45 1.17 -20.69
N ILE B 237 -14.89 2.16 -19.99
CA ILE B 237 -13.65 1.95 -19.29
C ILE B 237 -13.91 1.05 -18.08
N ALA B 238 -13.22 -0.09 -18.04
CA ALA B 238 -13.33 -1.03 -16.94
C ALA B 238 -12.46 -0.52 -15.80
N VAL B 239 -13.04 -0.36 -14.61
CA VAL B 239 -12.28 0.13 -13.45
C VAL B 239 -12.63 -0.71 -12.22
N SER B 240 -11.63 -1.34 -11.61
CA SER B 240 -11.78 -1.99 -10.29
C SER B 240 -10.68 -1.49 -9.37
N ALA B 241 -11.03 -1.27 -8.11
CA ALA B 241 -10.16 -0.63 -7.15
C ALA B 241 -10.15 -1.38 -5.83
N THR B 242 -8.99 -1.34 -5.16
CA THR B 242 -8.81 -1.75 -3.77
C THR B 242 -8.29 -0.52 -3.04
N CYS B 243 -9.04 -0.05 -2.05
CA CYS B 243 -8.68 1.18 -1.34
C CYS B 243 -8.26 0.89 0.10
N VAL B 244 -7.04 1.30 0.42
CA VAL B 244 -6.40 0.92 1.67
C VAL B 244 -5.90 2.16 2.40
N ARG B 245 -6.21 2.24 3.68
CA ARG B 245 -5.68 3.27 4.55
C ARG B 245 -4.35 2.81 5.13
N ILE B 246 -3.35 3.70 5.10
CA ILE B 246 -2.06 3.41 5.70
C ILE B 246 -1.67 4.54 6.67
N PRO B 247 -0.62 4.33 7.47
CA PRO B 247 -0.26 5.36 8.46
C PRO B 247 0.49 6.55 7.87
N VAL B 248 -0.22 7.35 7.08
CA VAL B 248 0.30 8.56 6.47
C VAL B 248 -0.75 9.62 6.81
N LEU B 249 -0.34 10.83 7.19
CA LEU B 249 -1.33 11.85 7.56
C LEU B 249 -1.87 12.56 6.34
N SER B 250 -0.97 12.93 5.42
CA SER B 250 -1.33 13.65 4.20
C SER B 250 -0.63 13.05 2.97
N ALA B 251 -1.39 13.04 1.86
CA ALA B 251 -0.98 12.61 0.51
C ALA B 251 -1.31 11.15 0.26
N HIS B 252 -2.11 10.93 -0.79
CA HIS B 252 -2.46 9.59 -1.25
C HIS B 252 -1.49 9.11 -2.30
N SER B 253 -1.18 7.81 -2.26
CA SER B 253 -0.36 7.18 -3.29
C SER B 253 -1.19 6.08 -3.92
N GLU B 254 -0.95 5.81 -5.20
CA GLU B 254 -1.72 4.80 -5.92
C GLU B 254 -0.82 4.01 -6.83
N SER B 255 -0.93 2.68 -6.74
CA SER B 255 -0.35 1.77 -7.72
C SER B 255 -1.41 1.54 -8.80
N VAL B 256 -1.14 2.07 -10.00
CA VAL B 256 -2.10 2.11 -11.09
C VAL B 256 -1.63 1.24 -12.24
N TYR B 257 -2.49 0.31 -12.64
CA TYR B 257 -2.31 -0.50 -13.83
C TYR B 257 -3.36 -0.12 -14.85
N ILE B 258 -2.93 0.11 -16.09
CA ILE B 258 -3.85 0.33 -17.19
C ILE B 258 -3.54 -0.58 -18.35
N GLU B 259 -4.57 -0.81 -19.16
CA GLU B 259 -4.37 -1.29 -20.50
C GLU B 259 -4.95 -0.24 -21.42
N THR B 260 -4.12 0.23 -22.35
CA THR B 260 -4.51 1.21 -23.34
C THR B 260 -5.19 0.51 -24.53
N LYS B 261 -5.82 1.29 -25.41
CA LYS B 261 -6.45 0.75 -26.63
C LYS B 261 -5.40 0.41 -27.70
N GLU B 262 -4.37 1.26 -27.82
CA GLU B 262 -3.24 1.02 -28.70
C GLU B 262 -1.95 1.01 -27.90
N VAL B 263 -0.94 0.30 -28.40
CA VAL B 263 0.34 0.21 -27.68
C VAL B 263 0.93 1.61 -27.51
N ALA B 264 1.33 1.94 -26.29
CA ALA B 264 1.81 3.28 -25.94
C ALA B 264 3.28 3.18 -25.51
N PRO B 265 4.21 3.58 -26.40
CA PRO B 265 5.62 3.47 -26.02
C PRO B 265 5.91 4.25 -24.75
N ILE B 266 6.69 3.66 -23.85
CA ILE B 266 6.86 4.20 -22.51
C ILE B 266 7.51 5.58 -22.52
N GLU B 267 8.48 5.82 -23.40
CA GLU B 267 9.09 7.15 -23.42
C GLU B 267 8.07 8.22 -23.83
N GLU B 268 7.16 7.86 -24.72
CA GLU B 268 6.10 8.77 -25.13
C GLU B 268 5.05 8.98 -24.03
N VAL B 269 4.76 7.93 -23.26
CA VAL B 269 3.82 8.03 -22.14
C VAL B 269 4.37 9.01 -21.09
N LYS B 270 5.66 8.83 -20.75
CA LYS B 270 6.32 9.72 -19.80
C LYS B 270 6.24 11.17 -20.30
N ALA B 271 6.54 11.39 -21.59
CA ALA B 271 6.49 12.74 -22.14
C ALA B 271 5.08 13.34 -22.14
N ALA B 272 4.08 12.52 -22.45
CA ALA B 272 2.69 12.99 -22.47
C ALA B 272 2.22 13.40 -21.07
N ILE B 273 2.59 12.62 -20.06
CA ILE B 273 2.26 12.95 -18.67
C ILE B 273 3.00 14.22 -18.24
N ALA B 274 4.29 14.30 -18.54
CA ALA B 274 5.09 15.49 -18.19
C ALA B 274 4.47 16.76 -18.78
N ALA B 275 3.96 16.67 -20.00
CA ALA B 275 3.38 17.82 -20.71
C ALA B 275 1.97 18.19 -20.28
N PHE B 276 1.32 17.34 -19.49
CA PHE B 276 -0.08 17.55 -19.11
C PHE B 276 -0.17 18.52 -17.93
N PRO B 277 -1.00 19.57 -18.04
CA PRO B 277 -1.14 20.51 -16.91
C PRO B 277 -1.61 19.79 -15.64
N GLY B 278 -0.96 20.09 -14.52
CA GLY B 278 -1.28 19.49 -13.23
C GLY B 278 -0.50 18.24 -12.88
N ALA B 279 0.15 17.64 -13.88
CA ALA B 279 0.94 16.42 -13.74
C ALA B 279 2.41 16.74 -13.85
N VAL B 280 3.19 16.21 -12.90
CA VAL B 280 4.64 16.35 -12.92
C VAL B 280 5.24 14.97 -12.98
N LEU B 281 6.10 14.76 -13.98
CA LEU B 281 6.84 13.51 -14.09
C LEU B 281 7.99 13.53 -13.09
N GLU B 282 7.99 12.54 -12.19
CA GLU B 282 9.10 12.30 -11.29
C GLU B 282 9.50 10.86 -11.48
N ASP B 283 10.39 10.62 -12.43
CA ASP B 283 10.65 9.26 -12.88
C ASP B 283 12.07 9.19 -13.44
N ASP B 284 13.00 8.81 -12.57
CA ASP B 284 14.41 8.65 -12.92
C ASP B 284 14.97 7.61 -11.98
N VAL B 285 14.70 6.36 -12.32
CA VAL B 285 15.05 5.26 -11.43
C VAL B 285 16.55 5.09 -11.22
N ALA B 286 17.37 5.54 -12.18
CA ALA B 286 18.83 5.53 -12.04
C ALA B 286 19.29 6.38 -10.86
N HIS B 287 18.49 7.38 -10.49
CA HIS B 287 18.73 8.21 -9.30
C HIS B 287 17.67 8.06 -8.22
N GLN B 288 16.98 6.92 -8.21
CA GLN B 288 15.93 6.62 -7.25
C GLN B 288 14.92 7.75 -7.12
N ILE B 289 14.51 8.31 -8.25
CA ILE B 289 13.52 9.38 -8.27
C ILE B 289 12.15 8.79 -8.64
N TYR B 290 11.20 8.96 -7.74
CA TYR B 290 9.81 8.55 -7.94
C TYR B 290 8.95 9.39 -6.99
N PRO B 291 7.64 9.47 -7.26
CA PRO B 291 6.77 10.23 -6.36
C PRO B 291 6.78 9.67 -4.94
N GLN B 292 6.73 10.57 -3.96
CA GLN B 292 6.67 10.22 -2.55
C GLN B 292 5.68 11.10 -1.82
N ALA B 293 4.81 10.48 -1.01
CA ALA B 293 3.85 11.18 -0.21
C ALA B 293 4.43 12.38 0.52
N ILE B 294 5.54 12.17 1.21
CA ILE B 294 6.09 13.26 2.03
C ILE B 294 6.58 14.45 1.18
N ASN B 295 6.96 14.19 -0.07
CA ASN B 295 7.37 15.25 -0.97
C ASN B 295 6.18 15.98 -1.61
N ALA B 296 5.05 15.28 -1.75
CA ALA B 296 3.87 15.83 -2.41
C ALA B 296 3.09 16.76 -1.51
N VAL B 297 3.23 16.59 -0.20
CA VAL B 297 2.48 17.39 0.77
C VAL B 297 2.74 18.89 0.54
N GLY B 298 1.68 19.67 0.40
CA GLY B 298 1.80 21.12 0.22
C GLY B 298 1.81 21.60 -1.22
N SER B 299 1.89 20.67 -2.17
CA SER B 299 1.94 21.00 -3.59
C SER B 299 0.59 20.70 -4.26
N ARG B 300 0.18 21.59 -5.14
CA ARG B 300 -1.00 21.40 -5.97
C ARG B 300 -0.83 20.37 -7.10
N ASP B 301 0.40 20.02 -7.44
CA ASP B 301 0.65 19.10 -8.55
C ASP B 301 0.40 17.64 -8.16
N THR B 302 0.27 16.81 -9.19
CA THR B 302 0.12 15.37 -9.07
C THR B 302 1.39 14.78 -9.68
N PHE B 303 2.05 13.91 -8.93
CA PHE B 303 3.35 13.39 -9.29
C PHE B 303 3.25 11.94 -9.75
N VAL B 304 3.90 11.64 -10.87
CA VAL B 304 3.78 10.33 -11.53
C VAL B 304 5.17 9.78 -11.86
N GLY B 305 5.35 8.49 -11.56
CA GLY B 305 6.59 7.79 -11.85
C GLY B 305 6.42 6.29 -11.76
N ARG B 306 7.53 5.59 -11.59
CA ARG B 306 7.58 4.13 -11.73
C ARG B 306 6.89 3.65 -13.01
N ILE B 307 6.94 4.46 -14.07
CA ILE B 307 6.20 4.11 -15.30
C ILE B 307 6.94 3.02 -16.06
N ARG B 308 6.26 1.91 -16.34
CA ARG B 308 6.87 0.76 -17.00
C ARG B 308 5.80 -0.14 -17.62
N LYS B 309 6.19 -0.80 -18.71
CA LYS B 309 5.38 -1.81 -19.39
C LYS B 309 5.12 -2.98 -18.46
N ASP B 310 3.93 -3.55 -18.53
CA ASP B 310 3.65 -4.86 -17.93
C ASP B 310 4.63 -5.88 -18.52
N LEU B 311 4.97 -6.90 -17.74
CA LEU B 311 5.93 -7.89 -18.19
C LEU B 311 5.38 -8.83 -19.26
N ASP B 312 4.06 -8.82 -19.46
CA ASP B 312 3.38 -9.78 -20.36
C ASP B 312 2.31 -9.20 -21.27
N ALA B 313 1.45 -8.35 -20.72
CA ALA B 313 0.36 -7.75 -21.47
C ALA B 313 0.89 -6.64 -22.37
N GLU B 314 0.72 -6.84 -23.68
CA GLU B 314 1.21 -5.92 -24.72
C GLU B 314 0.86 -4.45 -24.42
N LYS B 315 -0.38 -4.21 -24.00
CA LYS B 315 -0.90 -2.85 -23.83
C LYS B 315 -0.95 -2.41 -22.36
N GLY B 316 -0.36 -3.21 -21.48
CA GLY B 316 -0.38 -2.96 -20.04
C GLY B 316 0.75 -2.06 -19.60
N ILE B 317 0.42 -1.13 -18.71
CA ILE B 317 1.36 -0.17 -18.15
C ILE B 317 1.07 -0.02 -16.67
N HIS B 318 2.15 0.02 -15.88
CA HIS B 318 2.10 0.29 -14.44
C HIS B 318 2.72 1.64 -14.13
N MET B 319 2.20 2.29 -13.09
CA MET B 319 2.75 3.54 -12.62
C MET B 319 2.40 3.78 -11.15
N TRP B 320 2.99 4.85 -10.62
CA TRP B 320 2.83 5.26 -9.22
C TRP B 320 2.42 6.71 -9.22
N VAL B 321 1.28 7.01 -8.62
CA VAL B 321 0.70 8.35 -8.64
C VAL B 321 0.49 8.85 -7.21
N VAL B 322 0.96 10.07 -6.93
CA VAL B 322 0.89 10.65 -5.59
C VAL B 322 0.42 12.10 -5.67
N SER B 323 -0.53 12.47 -4.83
CA SER B 323 -0.89 13.87 -4.64
C SER B 323 -1.40 14.15 -3.24
N ASP B 324 -1.25 15.39 -2.81
CA ASP B 324 -1.82 15.87 -1.56
C ASP B 324 -3.35 15.78 -1.62
N ASN B 325 -3.91 14.89 -0.80
CA ASN B 325 -5.35 14.61 -0.83
C ASN B 325 -6.22 15.76 -0.35
N LEU B 326 -5.64 16.71 0.40
CA LEU B 326 -6.39 17.91 0.81
C LEU B 326 -6.26 19.06 -0.18
N LEU B 327 -5.28 19.00 -1.07
CA LEU B 327 -5.08 20.06 -2.07
C LEU B 327 -5.70 19.62 -3.37
N LYS B 328 -4.96 19.01 -4.28
CA LYS B 328 -5.58 18.60 -5.56
C LYS B 328 -6.73 17.64 -5.29
N GLY B 329 -6.66 16.86 -4.22
CA GLY B 329 -7.72 15.94 -3.91
C GLY B 329 -8.98 16.58 -3.35
N ALA B 330 -8.91 17.84 -2.95
CA ALA B 330 -10.06 18.53 -2.36
C ALA B 330 -10.02 20.05 -2.55
N ALA B 331 -9.33 20.75 -1.66
CA ALA B 331 -9.39 22.23 -1.59
C ALA B 331 -8.86 22.92 -2.84
N TRP B 332 -7.73 22.46 -3.35
CA TRP B 332 -7.19 23.05 -4.58
C TRP B 332 -8.08 22.72 -5.78
N ASN B 333 -8.54 21.48 -5.92
CA ASN B 333 -9.45 21.21 -7.04
C ASN B 333 -10.67 22.13 -6.98
N SER B 334 -11.19 22.36 -5.78
CA SER B 334 -12.35 23.23 -5.61
C SER B 334 -12.07 24.69 -5.96
N VAL B 335 -10.94 25.21 -5.49
CA VAL B 335 -10.58 26.59 -5.78
C VAL B 335 -10.26 26.75 -7.28
N GLN B 336 -9.62 25.75 -7.85
CA GLN B 336 -9.35 25.73 -9.28
C GLN B 336 -10.64 25.71 -10.10
N ILE B 337 -11.64 24.95 -9.64
CA ILE B 337 -12.94 25.00 -10.30
C ILE B 337 -13.49 26.43 -10.22
N ALA B 338 -13.40 27.05 -9.03
CA ALA B 338 -13.95 28.40 -8.88
C ALA B 338 -13.22 29.39 -9.79
N GLU B 339 -11.92 29.23 -9.90
CA GLU B 339 -11.13 30.07 -10.79
C GLU B 339 -11.52 29.86 -12.26
N THR B 340 -11.82 28.61 -12.62
CA THR B 340 -12.25 28.30 -13.98
C THR B 340 -13.65 28.86 -14.26
N LEU B 341 -14.55 28.75 -13.29
CA LEU B 341 -15.86 29.41 -13.40
C LEU B 341 -15.68 30.90 -13.64
N HIS B 342 -14.78 31.53 -12.87
CA HIS B 342 -14.51 32.95 -13.07
C HIS B 342 -14.03 33.25 -14.49
N GLU B 343 -13.03 32.49 -14.94
CA GLU B 343 -12.44 32.64 -16.28
C GLU B 343 -13.48 32.60 -17.36
N ARG B 344 -14.45 31.69 -17.20
CA ARG B 344 -15.47 31.42 -18.20
C ARG B 344 -16.76 32.24 -18.00
N GLY B 345 -16.77 33.15 -17.02
CA GLY B 345 -17.95 34.00 -16.80
C GLY B 345 -19.16 33.22 -16.33
N LEU B 346 -18.91 32.17 -15.55
CA LEU B 346 -19.95 31.25 -15.12
C LEU B 346 -20.36 31.44 -13.67
N VAL B 347 -19.83 32.47 -13.00
CA VAL B 347 -20.24 32.81 -11.65
C VAL B 347 -21.45 33.75 -11.73
N ARG B 348 -22.63 33.16 -11.74
CA ARG B 348 -23.87 33.94 -11.79
C ARG B 348 -25.05 33.04 -11.39
N PRO B 349 -26.14 33.66 -10.89
CA PRO B 349 -27.31 32.88 -10.47
C PRO B 349 -27.86 31.94 -11.54
N THR B 350 -28.40 30.81 -11.10
CA THR B 350 -29.07 29.86 -12.00
C THR B 350 -30.58 30.14 -11.95
N ALA B 351 -31.18 30.34 -13.12
CA ALA B 351 -32.62 30.64 -13.22
C ALA B 351 -33.50 29.46 -12.82
N GLU B 352 -33.24 28.30 -13.42
CA GLU B 352 -34.00 27.08 -13.12
C GLU B 352 -33.46 26.35 -11.90
N LEU B 353 -34.32 26.15 -10.90
CA LEU B 353 -33.97 25.35 -9.72
C LEU B 353 -34.18 23.86 -10.03
N LYS B 354 -33.11 23.09 -10.04
CA LYS B 354 -33.18 21.66 -10.33
C LYS B 354 -32.97 20.77 -9.11
N PHE B 355 -32.77 21.38 -7.94
CA PHE B 355 -32.47 20.60 -6.73
C PHE B 355 -33.51 20.83 -5.64
N GLU B 356 -34.20 19.74 -5.28
CA GLU B 356 -35.28 19.77 -4.29
C GLU B 356 -34.78 20.31 -2.95
N LEU B 357 -35.58 21.18 -2.34
CA LEU B 357 -35.26 21.76 -1.03
C LEU B 357 -35.63 20.74 0.06
N LYS B 358 -34.72 20.52 1.00
CA LYS B 358 -34.87 19.47 2.03
C LYS B 358 -35.01 20.06 3.43
#